data_5K2O
#
_entry.id   5K2O
#
_cell.length_a   179.090
_cell.length_b   179.090
_cell.length_c   184.969
_cell.angle_alpha   90.00
_cell.angle_beta   90.00
_cell.angle_gamma   120.00
#
_symmetry.space_group_name_H-M   'P 64 2 2'
#
loop_
_entity.id
_entity.type
_entity.pdbx_description
1 polymer 'Acetolactate synthase, chloroplastic'
2 non-polymer 'MAGNESIUM ION'
3 non-polymer 'FLAVIN-ADENINE DINUCLEOTIDE'
4 non-polymer '2-chloranyl-6-(4,6-dimethoxypyrimidin-2-yl)sulfanyl-benzoic acid'
5 non-polymer 'CITRIC ACID'
6 non-polymer '(3Z)-4-{[(4-AMINO-2-METHYLPYRIMIDIN-5-YL)METHYL]AMINO}-3-MERCAPTOPENT-3-EN-1-YL TRIHYDROGEN DIPHOSPHATE'
7 water water
#
_entity_poly.entity_id   1
_entity_poly.type   'polypeptide(L)'
_entity_poly.pdbx_seq_one_letter_code
;TFISRFAPDQPRKGADILVEALERQGVETVFAYPGGASMEIHQALTRSSSIRNVLPRHEQGGVFAAEGYARSSGKPGICI
ATSGPGATNLVSGLADALLDSVPLVAITGQVPRRMIGTDAFQETPIVEVTRSITKHNYLVMDVEDIPRIIEEAFFLATSG
RPGPVLVDVPKDIQQQLAIPNWEQAMRLPGYMSRMPKPPEDSHLEQIVRLISESKKPVLYVGGGCLNSSDELGRFVELTG
IPVASTLMGLGSYP(CSD)DDELSLHMLGMHGTVYANYAVEHSDLLLAFGVRFDDRVTGKLEAFASRAKIVHIDIDSAEI
GKNKTPHVSVCGDVKLALQGMNKVLENRAEELKLDFGVWRNELNVQKQKFPLSFKTFGEAIPPQYAIKVLDELTDGKAII
STGVGQHQMWAAQFYNYKKPRQWLSSGGLGAMGFGLPAAIGASVANPDAIVVDIDGDGSFIMNVQELATIRVENLPVKVL
LLNNQHLGMVMQWEDRFYKANRAHTFLGDPAQEDEIFPNMLLFAAACGIPAARVTKKADLREAIQTMLDTPGPYLLDVIC
PHQEHVLPMIPSGGTFNDVITEGDGRLEHHHHHH
;
_entity_poly.pdbx_strand_id   A
#
loop_
_chem_comp.id
_chem_comp.type
_chem_comp.name
_chem_comp.formula
6QK non-polymer '2-chloranyl-6-(4,6-dimethoxypyrimidin-2-yl)sulfanyl-benzoic acid' 'C13 H11 Cl N2 O4 S'
CIT non-polymer 'CITRIC ACID' 'C6 H8 O7'
FAD non-polymer 'FLAVIN-ADENINE DINUCLEOTIDE' 'C27 H33 N9 O15 P2'
MG non-polymer 'MAGNESIUM ION' 'Mg 2'
TP9 non-polymer '(3Z)-4-{[(4-AMINO-2-METHYLPYRIMIDIN-5-YL)METHYL]AMINO}-3-MERCAPTOPENT-3-EN-1-YL TRIHYDROGEN DIPHOSPHATE' 'C11 H18 N4 O7 P2 S -2'
#
# COMPACT_ATOMS: atom_id res chain seq x y z
N THR A 1 7.32 11.89 30.42
CA THR A 1 8.77 11.97 30.64
C THR A 1 9.43 10.63 30.34
N PHE A 2 10.29 10.62 29.32
CA PHE A 2 10.96 9.41 28.85
C PHE A 2 12.01 8.93 29.84
N ILE A 3 12.15 7.62 29.98
CA ILE A 3 13.13 7.03 30.88
C ILE A 3 14.24 6.32 30.12
N SER A 4 15.46 6.82 30.26
CA SER A 4 16.62 6.22 29.60
C SER A 4 17.22 5.10 30.45
N ARG A 5 17.99 4.23 29.82
CA ARG A 5 18.68 3.17 30.52
C ARG A 5 20.10 3.61 30.84
N PHE A 6 20.36 4.89 30.62
CA PHE A 6 21.68 5.47 30.86
C PHE A 6 21.55 6.76 31.66
N ALA A 7 22.57 7.06 32.45
CA ALA A 7 22.64 8.35 33.13
C ALA A 7 22.83 9.44 32.08
N PRO A 8 22.26 10.64 32.31
CA PRO A 8 22.35 11.74 31.35
C PRO A 8 23.78 12.24 31.14
N ASP A 9 24.67 11.91 32.06
CA ASP A 9 26.06 12.35 31.99
C ASP A 9 27.01 11.19 31.70
N GLN A 10 26.44 10.06 31.28
CA GLN A 10 27.21 8.85 31.04
C GLN A 10 27.43 8.58 29.55
N PRO A 11 28.69 8.42 29.14
CA PRO A 11 29.00 8.11 27.75
C PRO A 11 28.48 6.75 27.33
N ARG A 12 27.99 6.63 26.10
CA ARG A 12 27.49 5.37 25.57
C ARG A 12 27.78 5.27 24.09
N LYS A 13 27.79 4.03 23.58
CA LYS A 13 28.04 3.79 22.17
C LYS A 13 27.04 4.52 21.29
N GLY A 14 27.46 4.91 20.09
CA GLY A 14 26.58 5.56 19.14
C GLY A 14 25.41 4.65 18.79
N ALA A 15 25.67 3.35 18.79
CA ALA A 15 24.63 2.36 18.53
C ALA A 15 23.53 2.44 19.57
N ASP A 16 23.91 2.64 20.82
CA ASP A 16 22.94 2.76 21.91
C ASP A 16 22.18 4.07 21.83
N ILE A 17 22.85 5.13 21.40
CA ILE A 17 22.22 6.42 21.20
C ILE A 17 21.16 6.30 20.11
N LEU A 18 21.51 5.59 19.04
CA LEU A 18 20.60 5.37 17.92
C LEU A 18 19.32 4.66 18.35
N VAL A 19 19.47 3.58 19.11
CA VAL A 19 18.34 2.77 19.52
C VAL A 19 17.44 3.55 20.50
N GLU A 20 18.05 4.33 21.39
CA GLU A 20 17.27 5.17 22.30
C GLU A 20 16.55 6.27 21.53
N ALA A 21 17.18 6.75 20.46
CA ALA A 21 16.56 7.75 19.61
C ALA A 21 15.28 7.19 19.00
N LEU A 22 15.30 5.89 18.70
CA LEU A 22 14.11 5.20 18.19
C LEU A 22 13.06 5.06 19.29
N GLU A 23 13.52 4.70 20.49
CA GLU A 23 12.63 4.56 21.64
C GLU A 23 11.88 5.86 21.93
N ARG A 24 12.59 6.97 21.76
CA ARG A 24 12.03 8.30 22.03
C ARG A 24 11.06 8.72 20.92
N GLN A 25 11.07 7.99 19.82
CA GLN A 25 10.12 8.24 18.73
C GLN A 25 8.90 7.35 18.90
N GLY A 26 8.88 6.56 19.97
CA GLY A 26 7.77 5.68 20.26
C GLY A 26 7.83 4.36 19.50
N VAL A 27 8.96 4.10 18.86
CA VAL A 27 9.15 2.86 18.11
C VAL A 27 9.12 1.65 19.04
N GLU A 28 8.36 0.64 18.65
CA GLU A 28 8.24 -0.58 19.45
C GLU A 28 8.63 -1.82 18.65
N THR A 29 8.64 -1.69 17.32
CA THR A 29 8.98 -2.80 16.45
C THR A 29 9.92 -2.38 15.33
N VAL A 30 10.97 -3.16 15.12
CA VAL A 30 11.85 -2.97 13.97
C VAL A 30 11.98 -4.28 13.21
N PHE A 31 12.40 -4.19 11.96
CA PHE A 31 12.64 -5.37 11.15
C PHE A 31 14.10 -5.36 10.69
N ALA A 32 14.95 -5.98 11.49
CA ALA A 32 16.39 -5.85 11.32
C ALA A 32 17.07 -7.18 11.01
N TYR A 33 17.90 -7.17 9.98
CA TYR A 33 18.68 -8.34 9.59
C TYR A 33 20.17 -8.04 9.77
N PRO A 34 20.83 -8.78 10.67
CA PRO A 34 22.19 -8.44 11.10
C PRO A 34 23.26 -8.66 10.05
N GLY A 35 24.33 -7.88 10.18
CA GLY A 35 25.52 -8.03 9.36
C GLY A 35 26.66 -7.36 10.09
N GLY A 36 27.89 -7.60 9.64
CA GLY A 36 29.06 -7.07 10.31
C GLY A 36 29.03 -5.57 10.53
N ALA A 37 28.48 -4.85 9.57
CA ALA A 37 28.47 -3.38 9.62
C ALA A 37 27.38 -2.83 10.51
N SER A 38 26.49 -3.70 11.00
CA SER A 38 25.39 -3.25 11.84
C SER A 38 25.28 -4.05 13.14
N MET A 39 26.30 -4.86 13.42
CA MET A 39 26.31 -5.69 14.62
C MET A 39 26.14 -4.88 15.90
N GLU A 40 26.83 -3.75 15.98
CA GLU A 40 26.73 -2.86 17.13
C GLU A 40 25.30 -2.42 17.39
N ILE A 41 24.58 -2.14 16.30
CA ILE A 41 23.19 -1.73 16.38
C ILE A 41 22.33 -2.87 16.93
N HIS A 42 22.58 -4.09 16.44
CA HIS A 42 21.84 -5.26 16.88
C HIS A 42 22.13 -5.60 18.34
N GLN A 43 23.38 -5.41 18.76
CA GLN A 43 23.74 -5.57 20.15
C GLN A 43 22.96 -4.60 21.02
N ALA A 44 22.86 -3.36 20.55
CA ALA A 44 22.13 -2.32 21.28
C ALA A 44 20.64 -2.63 21.35
N LEU A 45 20.11 -3.28 20.31
CA LEU A 45 18.70 -3.64 20.26
C LEU A 45 18.32 -4.63 21.35
N THR A 46 19.24 -5.52 21.68
CA THR A 46 18.99 -6.53 22.71
C THR A 46 18.97 -5.90 24.09
N ARG A 47 19.60 -4.74 24.22
CA ARG A 47 19.62 -4.01 25.48
C ARG A 47 18.31 -3.26 25.71
N SER A 48 17.56 -3.06 24.62
CA SER A 48 16.25 -2.43 24.71
C SER A 48 15.22 -3.43 25.20
N SER A 49 14.37 -2.98 26.13
CA SER A 49 13.31 -3.83 26.65
C SER A 49 11.95 -3.36 26.11
N SER A 50 11.99 -2.44 25.16
CA SER A 50 10.76 -1.88 24.60
C SER A 50 10.68 -2.05 23.08
N ILE A 51 11.81 -2.33 22.43
CA ILE A 51 11.81 -2.54 21.00
C ILE A 51 12.00 -4.01 20.63
N ARG A 52 10.99 -4.55 19.95
CA ARG A 52 11.04 -5.93 19.47
C ARG A 52 11.60 -5.98 18.06
N ASN A 53 12.53 -6.90 17.82
CA ASN A 53 13.01 -7.13 16.47
C ASN A 53 12.36 -8.36 15.85
N VAL A 54 11.78 -8.17 14.67
CA VAL A 54 11.31 -9.29 13.88
C VAL A 54 12.33 -9.57 12.79
N LEU A 55 13.10 -10.63 12.97
CA LEU A 55 14.14 -11.00 12.02
C LEU A 55 13.53 -11.65 10.78
N PRO A 56 13.66 -10.98 9.62
CA PRO A 56 13.21 -11.58 8.36
C PRO A 56 14.24 -12.57 7.85
N ARG A 57 13.97 -13.20 6.69
CA ARG A 57 14.95 -14.10 6.09
C ARG A 57 15.55 -13.48 4.85
N HIS A 58 15.14 -12.24 4.57
CA HIS A 58 15.63 -11.47 3.45
C HIS A 58 15.28 -10.00 3.70
N GLU A 59 16.22 -9.09 3.44
CA GLU A 59 16.01 -7.69 3.74
C GLU A 59 14.87 -7.07 2.94
N GLN A 60 14.58 -7.64 1.77
CA GLN A 60 13.43 -7.20 1.00
C GLN A 60 12.16 -7.55 1.77
N GLY A 61 12.18 -8.71 2.42
CA GLY A 61 11.10 -9.09 3.31
C GLY A 61 11.05 -8.14 4.49
N GLY A 62 12.22 -7.72 4.94
CA GLY A 62 12.33 -6.80 6.06
C GLY A 62 11.66 -5.46 5.79
N VAL A 63 11.94 -4.88 4.62
CA VAL A 63 11.41 -3.57 4.28
C VAL A 63 9.92 -3.64 3.91
N PHE A 64 9.51 -4.72 3.25
CA PHE A 64 8.11 -4.91 2.90
C PHE A 64 7.27 -5.13 4.16
N ALA A 65 7.86 -5.78 5.16
CA ALA A 65 7.19 -5.97 6.44
C ALA A 65 7.00 -4.63 7.13
N ALA A 66 8.02 -3.78 7.07
CA ALA A 66 7.94 -2.44 7.62
C ALA A 66 6.82 -1.65 6.94
N GLU A 67 6.68 -1.84 5.62
CA GLU A 67 5.61 -1.21 4.86
C GLU A 67 4.24 -1.66 5.35
N GLY A 68 4.04 -2.97 5.45
CA GLY A 68 2.79 -3.51 5.93
C GLY A 68 2.47 -2.99 7.31
N TYR A 69 3.50 -2.95 8.16
CA TYR A 69 3.38 -2.39 9.50
C TYR A 69 2.87 -0.95 9.43
N ALA A 70 3.46 -0.17 8.54
CA ALA A 70 3.11 1.23 8.37
C ALA A 70 1.70 1.40 7.80
N ARG A 71 1.45 0.76 6.65
CA ARG A 71 0.19 0.87 5.95
C ARG A 71 -1.01 0.45 6.80
N SER A 72 -0.80 -0.50 7.70
CA SER A 72 -1.89 -1.06 8.48
C SER A 72 -2.15 -0.31 9.78
N SER A 73 -1.30 0.68 10.08
CA SER A 73 -1.37 1.34 11.39
C SER A 73 -1.31 2.86 11.31
N GLY A 74 -0.67 3.38 10.27
CA GLY A 74 -0.48 4.82 10.16
C GLY A 74 0.78 5.27 10.89
N LYS A 75 1.48 4.31 11.48
CA LYS A 75 2.75 4.57 12.15
C LYS A 75 3.88 4.43 11.14
N PRO A 76 5.06 4.98 11.46
CA PRO A 76 6.19 4.73 10.55
C PRO A 76 6.70 3.30 10.70
N GLY A 77 7.10 2.70 9.58
CA GLY A 77 7.70 1.38 9.61
C GLY A 77 9.20 1.48 9.62
N ILE A 78 9.85 0.68 10.44
CA ILE A 78 11.30 0.74 10.58
C ILE A 78 11.98 -0.58 10.21
N CYS A 79 12.87 -0.51 9.23
CA CYS A 79 13.67 -1.66 8.86
C CYS A 79 15.15 -1.32 9.00
N ILE A 80 15.95 -2.30 9.40
CA ILE A 80 17.38 -2.11 9.53
C ILE A 80 18.13 -3.18 8.77
N ALA A 81 19.20 -2.79 8.08
CA ALA A 81 20.02 -3.72 7.33
C ALA A 81 21.48 -3.37 7.47
N THR A 82 22.35 -4.30 7.12
CA THR A 82 23.78 -4.06 7.16
C THR A 82 24.23 -3.34 5.89
N SER A 83 25.52 -3.05 5.79
CA SER A 83 26.05 -2.35 4.63
C SER A 83 25.99 -3.22 3.39
N GLY A 84 26.25 -2.62 2.24
CA GLY A 84 26.38 -3.36 0.99
C GLY A 84 25.16 -4.14 0.56
N PRO A 85 25.29 -5.47 0.53
CA PRO A 85 24.24 -6.38 0.07
C PRO A 85 22.98 -6.29 0.93
N GLY A 86 23.14 -5.90 2.19
CA GLY A 86 22.00 -5.66 3.05
C GLY A 86 21.24 -4.45 2.57
N ALA A 87 21.97 -3.36 2.33
CA ALA A 87 21.38 -2.10 1.90
C ALA A 87 20.71 -2.21 0.54
N THR A 88 21.39 -2.83 -0.42
CA THR A 88 20.86 -2.96 -1.78
C THR A 88 19.61 -3.85 -1.81
N ASN A 89 19.46 -4.71 -0.82
CA ASN A 89 18.29 -5.58 -0.73
C ASN A 89 17.03 -4.83 -0.25
N LEU A 90 17.23 -3.57 0.16
CA LEU A 90 16.11 -2.73 0.62
C LEU A 90 15.49 -1.92 -0.51
N VAL A 91 16.23 -1.78 -1.60
CA VAL A 91 15.92 -0.81 -2.65
C VAL A 91 14.49 -0.86 -3.19
N SER A 92 13.99 -2.05 -3.47
CA SER A 92 12.63 -2.19 -3.99
C SER A 92 11.60 -1.65 -3.01
N GLY A 93 11.82 -1.90 -1.72
CA GLY A 93 10.93 -1.42 -0.68
C GLY A 93 10.91 0.10 -0.58
N LEU A 94 12.09 0.71 -0.66
CA LEU A 94 12.21 2.16 -0.63
C LEU A 94 11.45 2.80 -1.78
N ALA A 95 11.71 2.32 -2.99
CA ALA A 95 11.04 2.84 -4.18
C ALA A 95 9.53 2.64 -4.08
N ASP A 96 9.12 1.53 -3.49
CA ASP A 96 7.71 1.21 -3.31
C ASP A 96 7.06 2.21 -2.35
N ALA A 97 7.73 2.45 -1.22
CA ALA A 97 7.22 3.36 -0.20
C ALA A 97 7.12 4.79 -0.71
N LEU A 98 8.05 5.16 -1.60
CA LEU A 98 8.04 6.52 -2.15
C LEU A 98 6.86 6.73 -3.09
N LEU A 99 6.62 5.76 -3.95
CA LEU A 99 5.56 5.88 -4.95
C LEU A 99 4.17 5.77 -4.34
N ASP A 100 4.04 5.01 -3.25
CA ASP A 100 2.75 4.85 -2.58
C ASP A 100 2.60 5.77 -1.39
N SER A 101 3.62 6.61 -1.16
CA SER A 101 3.61 7.56 -0.05
C SER A 101 3.42 6.89 1.30
N VAL A 102 4.29 5.94 1.61
CA VAL A 102 4.24 5.21 2.87
C VAL A 102 5.33 5.70 3.83
N PRO A 103 4.95 6.11 5.04
CA PRO A 103 5.91 6.57 6.05
C PRO A 103 6.82 5.44 6.51
N LEU A 104 8.12 5.59 6.27
CA LEU A 104 9.07 4.52 6.51
C LEU A 104 10.47 5.05 6.79
N VAL A 105 11.11 4.51 7.82
CA VAL A 105 12.48 4.89 8.14
C VAL A 105 13.41 3.69 8.02
N ALA A 106 14.34 3.75 7.06
CA ALA A 106 15.27 2.67 6.83
C ALA A 106 16.66 3.01 7.34
N ILE A 107 17.20 2.14 8.18
CA ILE A 107 18.53 2.35 8.74
C ILE A 107 19.51 1.31 8.21
N THR A 108 20.61 1.77 7.62
CA THR A 108 21.63 0.86 7.12
C THR A 108 22.98 1.12 7.75
N GLY A 109 23.67 0.05 8.13
CA GLY A 109 25.05 0.17 8.55
C GLY A 109 25.91 0.56 7.37
N GLN A 110 27.08 1.11 7.65
CA GLN A 110 28.01 1.51 6.60
C GLN A 110 29.43 1.21 7.07
N VAL A 111 30.35 1.07 6.13
CA VAL A 111 31.76 0.88 6.46
C VAL A 111 32.26 2.09 7.25
N PRO A 112 33.36 1.93 8.00
CA PRO A 112 33.93 3.08 8.74
C PRO A 112 34.14 4.30 7.85
N ARG A 113 33.94 5.49 8.43
CA ARG A 113 34.00 6.75 7.69
C ARG A 113 35.23 6.90 6.80
N ARG A 114 36.38 6.51 7.34
CA ARG A 114 37.65 6.68 6.63
C ARG A 114 37.75 5.76 5.41
N MET A 115 36.94 4.70 5.40
CA MET A 115 37.00 3.72 4.32
C MET A 115 35.97 3.95 3.23
N ILE A 116 35.11 4.95 3.43
CA ILE A 116 34.09 5.28 2.44
C ILE A 116 34.74 5.79 1.16
N GLY A 117 34.38 5.20 0.03
CA GLY A 117 34.89 5.61 -1.27
C GLY A 117 36.06 4.77 -1.73
N THR A 118 36.48 3.83 -0.92
CA THR A 118 37.66 3.02 -1.22
C THR A 118 37.30 1.61 -1.72
N ASP A 119 36.04 1.43 -2.13
CA ASP A 119 35.54 0.13 -2.56
C ASP A 119 35.82 -0.93 -1.50
N ALA A 120 35.46 -0.61 -0.27
CA ALA A 120 35.74 -1.48 0.87
C ALA A 120 34.80 -2.68 0.91
N PHE A 121 35.07 -3.58 1.85
CA PHE A 121 34.26 -4.78 2.03
C PHE A 121 32.81 -4.42 2.32
N GLN A 122 31.90 -4.94 1.49
CA GLN A 122 30.47 -4.69 1.63
C GLN A 122 30.14 -3.20 1.66
N GLU A 123 30.78 -2.43 0.79
CA GLU A 123 30.45 -1.01 0.65
C GLU A 123 29.68 -0.72 -0.63
N THR A 124 28.47 -0.19 -0.47
CA THR A 124 27.76 0.43 -1.58
C THR A 124 27.47 1.87 -1.17
N PRO A 125 27.58 2.81 -2.12
CA PRO A 125 27.19 4.19 -1.84
C PRO A 125 25.66 4.30 -1.79
N ILE A 126 25.06 3.74 -0.75
CA ILE A 126 23.61 3.58 -0.71
C ILE A 126 22.88 4.93 -0.71
N VAL A 127 23.51 5.95 -0.15
CA VAL A 127 22.91 7.29 -0.14
C VAL A 127 22.81 7.82 -1.56
N GLU A 128 23.88 7.65 -2.34
CA GLU A 128 23.89 8.03 -3.74
C GLU A 128 22.84 7.22 -4.52
N VAL A 129 22.82 5.91 -4.28
CA VAL A 129 21.93 5.01 -4.98
C VAL A 129 20.45 5.32 -4.72
N THR A 130 20.13 5.64 -3.46
CA THR A 130 18.73 5.79 -3.06
C THR A 130 18.23 7.23 -3.01
N ARG A 131 19.03 8.18 -3.50
CA ARG A 131 18.65 9.58 -3.44
C ARG A 131 17.36 9.87 -4.21
N SER A 132 17.18 9.18 -5.34
CA SER A 132 16.05 9.45 -6.21
C SER A 132 14.83 8.57 -5.89
N ILE A 133 15.00 7.62 -4.97
CA ILE A 133 13.89 6.74 -4.61
C ILE A 133 13.58 6.81 -3.12
N THR A 134 13.96 7.91 -2.48
CA THR A 134 13.57 8.18 -1.10
C THR A 134 13.09 9.61 -0.99
N LYS A 135 12.28 9.90 0.01
CA LYS A 135 11.85 11.27 0.26
C LYS A 135 13.06 12.11 0.65
N HIS A 136 13.97 11.48 1.38
CA HIS A 136 15.21 12.10 1.85
C HIS A 136 16.10 11.00 2.43
N ASN A 137 17.41 11.21 2.40
CA ASN A 137 18.30 10.28 3.08
C ASN A 137 19.47 10.99 3.76
N TYR A 138 20.15 10.28 4.64
CA TYR A 138 21.24 10.86 5.42
C TYR A 138 22.46 9.95 5.44
N LEU A 139 23.64 10.57 5.49
CA LEU A 139 24.86 9.84 5.81
C LEU A 139 25.45 10.45 7.07
N VAL A 140 25.27 9.76 8.20
CA VAL A 140 25.74 10.25 9.49
C VAL A 140 27.26 10.28 9.53
N MET A 141 27.82 11.47 9.72
CA MET A 141 29.27 11.64 9.69
C MET A 141 29.84 11.99 11.06
N ASP A 142 28.97 12.06 12.06
CA ASP A 142 29.40 12.30 13.43
C ASP A 142 28.38 11.70 14.39
N VAL A 143 28.86 11.14 15.50
CA VAL A 143 27.99 10.48 16.47
C VAL A 143 27.03 11.49 17.12
N GLU A 144 27.45 12.76 17.18
CA GLU A 144 26.63 13.80 17.79
C GLU A 144 25.41 14.17 16.95
N ASP A 145 25.46 13.84 15.66
CA ASP A 145 24.36 14.17 14.75
C ASP A 145 23.22 13.15 14.82
N ILE A 146 23.48 12.01 15.46
CA ILE A 146 22.51 10.91 15.49
C ILE A 146 21.13 11.29 16.07
N PRO A 147 21.08 11.95 17.24
CA PRO A 147 19.73 12.28 17.74
C PRO A 147 18.95 13.20 16.82
N ARG A 148 19.61 14.23 16.31
CA ARG A 148 18.96 15.21 15.44
C ARG A 148 18.47 14.57 14.14
N ILE A 149 19.34 13.78 13.52
CA ILE A 149 19.02 13.16 12.23
C ILE A 149 17.85 12.17 12.35
N ILE A 150 17.85 11.38 13.41
CA ILE A 150 16.77 10.43 13.64
C ILE A 150 15.43 11.16 13.84
N GLU A 151 15.47 12.27 14.58
CA GLU A 151 14.28 13.09 14.75
C GLU A 151 13.80 13.65 13.42
N GLU A 152 14.73 14.15 12.62
CA GLU A 152 14.41 14.69 11.30
C GLU A 152 13.88 13.61 10.37
N ALA A 153 14.50 12.42 10.44
CA ALA A 153 14.10 11.30 9.59
C ALA A 153 12.65 10.91 9.83
N PHE A 154 12.28 10.78 11.09
CA PHE A 154 10.90 10.43 11.44
C PHE A 154 9.93 11.56 11.13
N PHE A 155 10.37 12.80 11.34
CA PHE A 155 9.53 13.95 11.03
C PHE A 155 9.23 14.02 9.55
N LEU A 156 10.28 13.89 8.73
CA LEU A 156 10.11 13.95 7.28
C LEU A 156 9.29 12.78 6.76
N ALA A 157 9.48 11.61 7.36
CA ALA A 157 8.80 10.39 6.90
C ALA A 157 7.29 10.44 7.16
N THR A 158 6.89 11.14 8.21
CA THR A 158 5.50 11.09 8.66
C THR A 158 4.71 12.37 8.38
N SER A 159 5.40 13.47 8.12
CA SER A 159 4.72 14.75 7.88
C SER A 159 4.53 15.01 6.39
N GLY A 160 3.68 16.00 6.09
CA GLY A 160 3.36 16.36 4.72
C GLY A 160 2.89 15.15 3.92
N ARG A 161 3.51 14.93 2.77
CA ARG A 161 3.31 13.69 2.04
C ARG A 161 4.29 12.65 2.56
N PRO A 162 3.77 11.64 3.26
CA PRO A 162 4.62 10.61 3.89
C PRO A 162 5.50 9.89 2.88
N GLY A 163 6.63 9.36 3.35
CA GLY A 163 7.56 8.69 2.47
C GLY A 163 8.72 8.05 3.22
N PRO A 164 9.58 7.33 2.49
CA PRO A 164 10.74 6.64 3.06
C PRO A 164 11.94 7.56 3.28
N VAL A 165 12.57 7.44 4.45
CA VAL A 165 13.80 8.15 4.73
C VAL A 165 14.87 7.15 5.14
N LEU A 166 16.03 7.22 4.50
CA LEU A 166 17.12 6.29 4.81
C LEU A 166 18.23 6.98 5.60
N VAL A 167 18.69 6.33 6.66
CA VAL A 167 19.79 6.85 7.46
C VAL A 167 20.97 5.89 7.46
N ASP A 168 22.04 6.28 6.78
CA ASP A 168 23.24 5.46 6.66
C ASP A 168 24.21 5.73 7.81
N VAL A 169 24.58 4.68 8.54
CA VAL A 169 25.39 4.84 9.75
C VAL A 169 26.67 4.02 9.71
N PRO A 170 27.83 4.71 9.53
CA PRO A 170 29.16 4.10 9.55
C PRO A 170 29.43 3.33 10.85
N LYS A 171 30.17 2.22 10.74
CA LYS A 171 30.46 1.35 11.88
CA LYS A 171 30.40 1.36 11.90
C LYS A 171 31.13 2.07 13.03
N ASP A 172 32.12 2.89 12.71
CA ASP A 172 32.90 3.57 13.74
C ASP A 172 32.06 4.58 14.52
N ILE A 173 31.00 5.09 13.89
CA ILE A 173 30.06 5.98 14.58
C ILE A 173 29.26 5.19 15.61
N GLN A 174 28.88 3.98 15.25
CA GLN A 174 28.14 3.10 16.15
C GLN A 174 28.95 2.73 17.39
N GLN A 175 30.27 2.69 17.24
CA GLN A 175 31.16 2.22 18.29
C GLN A 175 31.60 3.35 19.21
N GLN A 176 31.58 4.58 18.70
CA GLN A 176 32.10 5.73 19.42
C GLN A 176 31.26 6.07 20.66
N LEU A 177 31.94 6.29 21.79
CA LEU A 177 31.27 6.74 23.01
C LEU A 177 30.94 8.22 22.93
N ALA A 178 29.74 8.58 23.36
CA ALA A 178 29.33 9.98 23.38
C ALA A 178 28.16 10.20 24.34
N ILE A 179 27.91 11.46 24.65
CA ILE A 179 26.76 11.85 25.46
C ILE A 179 25.76 12.61 24.59
N PRO A 180 24.60 11.99 24.35
CA PRO A 180 23.60 12.55 23.43
C PRO A 180 22.87 13.77 23.97
N ASN A 181 22.56 14.71 23.09
CA ASN A 181 21.72 15.85 23.43
C ASN A 181 20.39 15.73 22.71
N TRP A 182 19.32 15.51 23.47
CA TRP A 182 18.01 15.23 22.89
C TRP A 182 17.20 16.50 22.65
N GLU A 183 17.78 17.64 23.00
CA GLU A 183 17.08 18.91 22.87
C GLU A 183 17.53 19.69 21.64
N GLN A 184 18.28 19.03 20.76
CA GLN A 184 18.73 19.64 19.52
C GLN A 184 17.56 20.00 18.62
N ALA A 185 17.62 21.18 18.01
CA ALA A 185 16.59 21.62 17.09
C ALA A 185 16.88 21.11 15.68
N MET A 186 15.83 20.72 14.97
CA MET A 186 15.96 20.19 13.61
C MET A 186 16.43 21.27 12.62
N ARG A 187 17.23 20.85 11.66
CA ARG A 187 17.66 21.76 10.60
C ARG A 187 16.91 21.47 9.31
N LEU A 188 15.62 21.80 9.29
CA LEU A 188 14.85 21.70 8.05
C LEU A 188 14.11 23.00 7.78
N PRO A 189 14.84 24.13 7.70
CA PRO A 189 14.17 25.43 7.60
C PRO A 189 13.42 25.61 6.28
N GLY A 190 13.94 24.99 5.23
CA GLY A 190 13.28 25.04 3.94
C GLY A 190 11.98 24.25 3.97
N TYR A 191 12.07 22.97 4.32
CA TYR A 191 10.93 22.07 4.35
C TYR A 191 9.76 22.60 5.17
N MET A 192 10.06 23.20 6.32
CA MET A 192 9.02 23.63 7.26
C MET A 192 8.33 24.92 6.85
N SER A 193 9.04 25.76 6.09
CA SER A 193 8.44 26.99 5.58
C SER A 193 7.44 26.68 4.48
N ARG A 194 7.66 25.60 3.75
CA ARG A 194 6.78 25.22 2.65
C ARG A 194 5.73 24.20 3.05
N MET A 195 5.63 23.91 4.35
CA MET A 195 4.58 23.01 4.82
C MET A 195 3.22 23.67 4.62
N PRO A 196 2.27 22.92 4.03
CA PRO A 196 0.93 23.43 3.69
C PRO A 196 0.22 24.05 4.89
N LYS A 197 -0.44 25.18 4.66
CA LYS A 197 -1.18 25.87 5.71
C LYS A 197 -2.60 25.32 5.77
N PRO A 198 -3.29 25.49 6.91
CA PRO A 198 -4.70 25.13 6.98
C PRO A 198 -5.54 25.91 5.97
N PRO A 199 -6.52 25.23 5.34
CA PRO A 199 -7.30 25.81 4.25
C PRO A 199 -8.11 27.04 4.67
N GLU A 200 -8.03 28.10 3.87
CA GLU A 200 -8.79 29.31 4.13
C GLU A 200 -10.27 29.08 3.88
N ASP A 201 -11.11 29.80 4.60
CA ASP A 201 -12.55 29.73 4.40
C ASP A 201 -12.90 30.10 2.96
N SER A 202 -12.14 31.04 2.41
CA SER A 202 -12.29 31.48 1.03
C SER A 202 -12.32 30.32 0.03
N HIS A 203 -11.30 29.48 0.07
CA HIS A 203 -11.18 28.36 -0.86
C HIS A 203 -12.31 27.35 -0.69
N LEU A 204 -12.68 27.08 0.55
CA LEU A 204 -13.68 26.06 0.83
C LEU A 204 -15.09 26.51 0.44
N GLU A 205 -15.37 27.80 0.60
CA GLU A 205 -16.66 28.35 0.18
C GLU A 205 -16.85 28.23 -1.33
N GLN A 206 -15.76 28.42 -2.07
CA GLN A 206 -15.80 28.33 -3.52
C GLN A 206 -16.17 26.92 -3.99
N ILE A 207 -15.62 25.93 -3.31
CA ILE A 207 -15.90 24.53 -3.64
C ILE A 207 -17.35 24.16 -3.35
N VAL A 208 -17.82 24.53 -2.15
CA VAL A 208 -19.20 24.31 -1.77
C VAL A 208 -20.16 24.96 -2.76
N ARG A 209 -19.77 26.15 -3.23
CA ARG A 209 -20.54 26.86 -4.24
C ARG A 209 -20.65 26.07 -5.54
N LEU A 210 -19.52 25.53 -5.99
CA LEU A 210 -19.48 24.72 -7.21
C LEU A 210 -20.35 23.48 -7.09
N ILE A 211 -20.41 22.92 -5.89
CA ILE A 211 -21.22 21.74 -5.62
C ILE A 211 -22.71 22.05 -5.80
N SER A 212 -23.14 23.20 -5.31
CA SER A 212 -24.53 23.61 -5.39
C SER A 212 -24.96 23.89 -6.84
N GLU A 213 -24.00 24.18 -7.69
CA GLU A 213 -24.28 24.55 -9.08
C GLU A 213 -24.13 23.35 -10.02
N SER A 214 -23.45 22.31 -9.55
CA SER A 214 -23.26 21.11 -10.35
C SER A 214 -24.53 20.27 -10.38
N LYS A 215 -24.66 19.42 -11.40
CA LYS A 215 -25.80 18.53 -11.50
C LYS A 215 -25.34 17.08 -11.64
N LYS A 216 -24.05 16.89 -11.93
CA LYS A 216 -23.46 15.56 -12.03
C LYS A 216 -22.10 15.48 -11.34
N PRO A 217 -22.07 15.65 -10.00
CA PRO A 217 -20.78 15.62 -9.30
C PRO A 217 -20.30 14.20 -8.99
N VAL A 218 -18.98 14.02 -8.97
CA VAL A 218 -18.39 12.74 -8.61
C VAL A 218 -17.18 12.93 -7.70
N LEU A 219 -17.14 12.19 -6.60
CA LEU A 219 -15.95 12.17 -5.75
C LEU A 219 -14.90 11.22 -6.31
N TYR A 220 -13.67 11.72 -6.38
CA TYR A 220 -12.54 10.96 -6.91
C TYR A 220 -11.53 10.82 -5.77
N VAL A 221 -11.62 9.70 -5.05
CA VAL A 221 -10.96 9.54 -3.76
C VAL A 221 -9.77 8.57 -3.81
N GLY A 222 -8.67 8.96 -3.18
CA GLY A 222 -7.46 8.13 -3.20
C GLY A 222 -6.72 7.99 -1.89
N GLY A 223 -5.47 7.57 -1.99
CA GLY A 223 -4.66 7.26 -0.82
C GLY A 223 -4.36 8.41 0.12
N GLY A 224 -4.73 9.62 -0.28
CA GLY A 224 -4.54 10.78 0.57
C GLY A 224 -5.63 10.91 1.60
N CYS A 225 -6.62 10.03 1.54
CA CYS A 225 -7.79 10.10 2.40
C CYS A 225 -7.77 9.08 3.54
N LEU A 226 -6.67 8.35 3.68
CA LEU A 226 -6.58 7.25 4.63
C LEU A 226 -6.86 7.65 6.08
N ASN A 227 -6.67 8.93 6.39
CA ASN A 227 -6.91 9.42 7.75
C ASN A 227 -8.19 10.23 7.85
N SER A 228 -8.96 10.27 6.76
CA SER A 228 -10.13 11.12 6.70
C SER A 228 -11.42 10.31 6.54
N SER A 229 -11.44 9.11 7.10
CA SER A 229 -12.58 8.20 6.97
C SER A 229 -13.88 8.81 7.45
N ASP A 230 -13.86 9.37 8.65
CA ASP A 230 -15.06 9.95 9.26
C ASP A 230 -15.50 11.23 8.57
N GLU A 231 -14.53 12.07 8.23
CA GLU A 231 -14.82 13.35 7.59
C GLU A 231 -15.43 13.15 6.21
N LEU A 232 -14.87 12.22 5.45
CA LEU A 232 -15.36 11.92 4.10
C LEU A 232 -16.79 11.39 4.16
N GLY A 233 -17.06 10.50 5.11
CA GLY A 233 -18.38 9.94 5.28
C GLY A 233 -19.40 11.00 5.65
N ARG A 234 -19.00 11.92 6.52
CA ARG A 234 -19.84 13.05 6.90
C ARG A 234 -20.13 13.91 5.68
N PHE A 235 -19.12 14.08 4.84
CA PHE A 235 -19.22 14.86 3.61
C PHE A 235 -20.23 14.25 2.64
N VAL A 236 -20.15 12.94 2.47
CA VAL A 236 -21.04 12.22 1.57
C VAL A 236 -22.49 12.28 2.06
N GLU A 237 -22.66 12.20 3.38
CA GLU A 237 -23.98 12.31 3.99
C GLU A 237 -24.62 13.65 3.69
N LEU A 238 -23.81 14.71 3.72
CA LEU A 238 -24.30 16.06 3.53
C LEU A 238 -24.58 16.38 2.06
N THR A 239 -23.73 15.87 1.17
CA THR A 239 -23.82 16.21 -0.25
C THR A 239 -24.61 15.18 -1.06
N GLY A 240 -24.44 13.90 -0.74
CA GLY A 240 -25.06 12.84 -1.50
C GLY A 240 -24.36 12.63 -2.82
N ILE A 241 -23.06 12.93 -2.85
CA ILE A 241 -22.25 12.76 -4.06
C ILE A 241 -21.65 11.36 -4.11
N PRO A 242 -21.83 10.66 -5.24
CA PRO A 242 -21.29 9.31 -5.43
C PRO A 242 -19.77 9.27 -5.35
N VAL A 243 -19.22 8.15 -4.88
CA VAL A 243 -17.80 8.04 -4.60
C VAL A 243 -17.07 7.01 -5.47
N ALA A 244 -16.13 7.49 -6.27
CA ALA A 244 -15.23 6.62 -7.01
C ALA A 244 -13.87 6.63 -6.34
N SER A 245 -13.31 5.44 -6.10
CA SER A 245 -12.06 5.33 -5.37
C SER A 245 -10.93 4.76 -6.22
N THR A 246 -9.71 5.18 -5.93
CA THR A 246 -8.54 4.59 -6.56
C THR A 246 -8.17 3.29 -5.87
N LEU A 247 -7.23 2.55 -6.47
CA LEU A 247 -6.71 1.33 -5.88
C LEU A 247 -6.14 1.63 -4.49
N MET A 248 -5.54 2.80 -4.35
CA MET A 248 -4.89 3.20 -3.11
C MET A 248 -5.88 3.75 -2.10
N GLY A 249 -7.07 4.13 -2.56
CA GLY A 249 -8.05 4.77 -1.72
C GLY A 249 -9.13 3.86 -1.16
N LEU A 250 -9.05 2.57 -1.48
CA LEU A 250 -10.07 1.60 -1.04
C LEU A 250 -10.25 1.60 0.46
N GLY A 251 -11.51 1.66 0.90
CA GLY A 251 -11.83 1.62 2.31
C GLY A 251 -12.16 2.98 2.90
N SER A 252 -11.61 4.03 2.29
CA SER A 252 -11.85 5.40 2.74
C SER A 252 -13.35 5.65 2.82
N TYR A 253 -14.05 5.33 1.74
CA TYR A 253 -15.50 5.23 1.77
C TYR A 253 -15.85 3.76 1.58
N PRO A 254 -16.62 3.19 2.52
CA PRO A 254 -16.97 1.76 2.55
C PRO A 254 -17.53 1.27 1.22
N CSD A 255 -17.05 0.13 0.75
CA CSD A 255 -17.40 -0.38 -0.55
CB CSD A 255 -16.53 -1.56 -0.95
SG CSD A 255 -15.05 -0.96 -1.69
C CSD A 255 -18.86 -0.79 -0.73
O CSD A 255 -19.49 -0.63 -1.79
OD1 CSD A 255 -14.56 -2.03 -2.55
OD2 CSD A 255 -14.00 -1.26 -0.38
N ASP A 256 -19.43 -1.34 0.34
CA ASP A 256 -20.79 -1.83 0.29
C ASP A 256 -21.79 -0.76 0.73
N ASP A 257 -21.39 0.49 0.62
CA ASP A 257 -22.29 1.60 0.91
C ASP A 257 -23.08 1.98 -0.35
N GLU A 258 -24.28 2.52 -0.13
CA GLU A 258 -25.22 2.80 -1.22
C GLU A 258 -24.67 3.79 -2.25
N LEU A 259 -23.79 4.67 -1.82
CA LEU A 259 -23.29 5.73 -2.70
C LEU A 259 -21.92 5.41 -3.29
N SER A 260 -21.48 4.17 -3.13
CA SER A 260 -20.15 3.75 -3.60
C SER A 260 -20.17 3.31 -5.06
N LEU A 261 -19.34 3.96 -5.87
CA LEU A 261 -19.14 3.58 -7.27
C LEU A 261 -18.04 2.54 -7.39
N HIS A 262 -17.46 2.17 -6.26
CA HIS A 262 -16.30 1.28 -6.20
C HIS A 262 -15.11 1.90 -6.93
N MET A 263 -14.25 1.05 -7.48
CA MET A 263 -13.00 1.53 -8.06
C MET A 263 -13.15 2.03 -9.50
N LEU A 264 -12.44 3.11 -9.81
CA LEU A 264 -12.36 3.61 -11.19
C LEU A 264 -10.98 3.28 -11.77
N GLY A 265 -10.82 3.45 -13.08
CA GLY A 265 -9.53 3.27 -13.70
C GLY A 265 -9.48 2.16 -14.74
N MET A 266 -8.26 1.68 -15.01
CA MET A 266 -8.02 0.64 -16.01
C MET A 266 -8.89 -0.60 -15.78
N HIS A 267 -8.89 -1.09 -14.55
CA HIS A 267 -9.75 -2.21 -14.18
C HIS A 267 -10.85 -1.76 -13.23
N GLY A 268 -11.20 -0.48 -13.32
CA GLY A 268 -12.29 0.06 -12.53
C GLY A 268 -13.62 -0.40 -13.11
N THR A 269 -14.70 -0.20 -12.37
CA THR A 269 -16.02 -0.63 -12.83
C THR A 269 -16.51 0.26 -13.97
N VAL A 270 -17.43 -0.28 -14.77
CA VAL A 270 -18.01 0.46 -15.89
C VAL A 270 -18.71 1.73 -15.40
N TYR A 271 -19.47 1.61 -14.31
CA TYR A 271 -20.25 2.73 -13.81
C TYR A 271 -19.39 3.81 -13.14
N ALA A 272 -18.31 3.39 -12.47
CA ALA A 272 -17.41 4.36 -11.86
C ALA A 272 -16.73 5.19 -12.94
N ASN A 273 -16.21 4.52 -13.97
CA ASN A 273 -15.59 5.20 -15.10
C ASN A 273 -16.59 6.04 -15.88
N TYR A 274 -17.82 5.54 -15.97
CA TYR A 274 -18.91 6.27 -16.63
C TYR A 274 -19.17 7.58 -15.92
N ALA A 275 -19.23 7.51 -14.58
CA ALA A 275 -19.53 8.67 -13.75
C ALA A 275 -18.54 9.80 -13.97
N VAL A 276 -17.25 9.48 -13.96
CA VAL A 276 -16.20 10.46 -14.19
C VAL A 276 -16.27 11.02 -15.60
N GLU A 277 -16.61 10.15 -16.55
CA GLU A 277 -16.68 10.52 -17.95
C GLU A 277 -17.74 11.59 -18.21
N HIS A 278 -18.87 11.48 -17.51
CA HIS A 278 -20.01 12.34 -17.79
C HIS A 278 -20.26 13.34 -16.66
N SER A 279 -19.33 13.43 -15.72
CA SER A 279 -19.45 14.38 -14.61
C SER A 279 -19.23 15.82 -15.07
N ASP A 280 -19.82 16.76 -14.34
CA ASP A 280 -19.57 18.17 -14.59
C ASP A 280 -18.82 18.80 -13.42
N LEU A 281 -18.62 18.00 -12.38
CA LEU A 281 -17.81 18.40 -11.23
C LEU A 281 -17.04 17.22 -10.68
N LEU A 282 -15.71 17.31 -10.69
CA LEU A 282 -14.87 16.24 -10.19
C LEU A 282 -14.15 16.67 -8.91
N LEU A 283 -14.48 16.02 -7.80
CA LEU A 283 -13.84 16.32 -6.53
C LEU A 283 -12.69 15.35 -6.28
N ALA A 284 -11.51 15.75 -6.73
CA ALA A 284 -10.31 14.92 -6.62
C ALA A 284 -9.63 15.10 -5.26
N PHE A 285 -9.96 14.23 -4.32
CA PHE A 285 -9.43 14.34 -2.96
C PHE A 285 -8.38 13.26 -2.69
N GLY A 286 -7.15 13.68 -2.44
CA GLY A 286 -6.08 12.76 -2.08
C GLY A 286 -5.69 11.80 -3.20
N VAL A 287 -5.73 12.31 -4.43
CA VAL A 287 -5.37 11.52 -5.61
C VAL A 287 -4.24 12.21 -6.39
N ARG A 288 -3.64 11.50 -7.33
CA ARG A 288 -2.53 12.08 -8.10
C ARG A 288 -2.68 11.90 -9.61
N PHE A 289 -3.92 11.70 -10.06
CA PHE A 289 -4.24 11.61 -11.50
C PHE A 289 -3.30 10.68 -12.27
N ASP A 290 -3.22 9.44 -11.81
CA ASP A 290 -2.35 8.45 -12.44
C ASP A 290 -2.89 8.01 -13.79
N ASP A 291 -1.96 7.70 -14.70
N ASP A 291 -1.98 7.70 -14.72
CA ASP A 291 -2.28 7.23 -16.04
CA ASP A 291 -2.40 7.28 -16.05
C ASP A 291 -3.14 5.96 -16.01
C ASP A 291 -3.16 5.95 -16.02
N ARG A 292 -2.97 5.18 -14.95
CA ARG A 292 -3.74 3.95 -14.76
C ARG A 292 -5.20 4.24 -14.42
N VAL A 293 -5.46 5.46 -13.96
CA VAL A 293 -6.82 5.90 -13.66
C VAL A 293 -7.39 6.70 -14.82
N THR A 294 -6.61 7.63 -15.34
CA THR A 294 -7.09 8.60 -16.31
C THR A 294 -7.14 8.07 -17.74
N GLY A 295 -6.20 7.20 -18.09
CA GLY A 295 -6.03 6.82 -19.49
C GLY A 295 -5.58 8.05 -20.25
N LYS A 296 -6.16 8.28 -21.41
CA LYS A 296 -5.85 9.48 -22.18
C LYS A 296 -6.37 10.71 -21.43
N LEU A 297 -5.45 11.53 -20.95
CA LEU A 297 -5.77 12.67 -20.08
C LEU A 297 -6.79 13.63 -20.68
N GLU A 298 -6.67 13.89 -21.99
CA GLU A 298 -7.56 14.84 -22.65
C GLU A 298 -9.01 14.35 -22.63
N ALA A 299 -9.18 13.03 -22.50
CA ALA A 299 -10.51 12.44 -22.51
C ALA A 299 -11.03 12.18 -21.10
N PHE A 300 -10.16 12.35 -20.11
CA PHE A 300 -10.52 12.10 -18.72
C PHE A 300 -11.23 13.30 -18.11
N ALA A 301 -12.47 13.10 -17.67
CA ALA A 301 -13.30 14.17 -17.11
C ALA A 301 -13.31 15.39 -18.02
N SER A 302 -13.51 15.14 -19.32
CA SER A 302 -13.35 16.17 -20.35
C SER A 302 -14.35 17.33 -20.22
N ARG A 303 -15.48 17.06 -19.58
CA ARG A 303 -16.52 18.08 -19.45
C ARG A 303 -16.82 18.41 -17.99
N ALA A 304 -15.85 18.17 -17.12
CA ALA A 304 -16.05 18.39 -15.69
C ALA A 304 -15.17 19.52 -15.16
N LYS A 305 -15.75 20.33 -14.27
CA LYS A 305 -14.98 21.30 -13.51
C LYS A 305 -14.22 20.57 -12.41
N ILE A 306 -12.90 20.67 -12.44
CA ILE A 306 -12.06 19.83 -11.59
C ILE A 306 -11.56 20.55 -10.34
N VAL A 307 -11.89 19.99 -9.19
CA VAL A 307 -11.38 20.47 -7.91
C VAL A 307 -10.37 19.48 -7.35
N HIS A 308 -9.16 19.97 -7.06
CA HIS A 308 -8.09 19.09 -6.60
C HIS A 308 -7.52 19.54 -5.26
N ILE A 309 -7.67 18.70 -4.24
CA ILE A 309 -7.10 18.98 -2.93
C ILE A 309 -5.97 18.00 -2.62
N ASP A 310 -4.75 18.51 -2.55
CA ASP A 310 -3.58 17.67 -2.34
C ASP A 310 -2.59 18.34 -1.39
N ILE A 311 -1.91 17.54 -0.58
CA ILE A 311 -1.00 18.06 0.43
C ILE A 311 0.37 18.36 -0.18
N ASP A 312 0.58 17.92 -1.41
CA ASP A 312 1.81 18.17 -2.14
C ASP A 312 1.55 19.20 -3.24
N SER A 313 2.17 20.37 -3.12
CA SER A 313 1.99 21.44 -4.09
C SER A 313 2.50 21.02 -5.48
N ALA A 314 3.40 20.05 -5.50
CA ALA A 314 4.00 19.57 -6.73
C ALA A 314 3.02 18.74 -7.56
N GLU A 315 1.99 18.22 -6.90
CA GLU A 315 1.02 17.34 -7.57
C GLU A 315 -0.12 18.08 -8.22
N ILE A 316 -0.32 19.34 -7.82
CA ILE A 316 -1.42 20.13 -8.37
C ILE A 316 -1.07 20.72 -9.72
N GLY A 317 -1.81 20.30 -10.75
CA GLY A 317 -1.59 20.78 -12.10
C GLY A 317 -0.49 20.03 -12.83
N LYS A 318 -0.01 18.94 -12.24
CA LYS A 318 1.07 18.17 -12.82
C LYS A 318 0.66 17.51 -14.13
N ASN A 319 -0.40 16.71 -14.08
CA ASN A 319 -0.87 16.01 -15.26
C ASN A 319 -2.15 16.63 -15.83
N LYS A 320 -3.01 17.14 -14.95
CA LYS A 320 -4.22 17.81 -15.39
C LYS A 320 -4.42 19.13 -14.64
N THR A 321 -4.91 20.14 -15.35
CA THR A 321 -5.11 21.46 -14.79
C THR A 321 -6.47 21.59 -14.11
N PRO A 322 -6.47 21.82 -12.79
CA PRO A 322 -7.72 21.98 -12.04
C PRO A 322 -8.28 23.38 -12.16
N HIS A 323 -9.60 23.50 -12.14
CA HIS A 323 -10.25 24.80 -12.12
C HIS A 323 -10.08 25.43 -10.75
N VAL A 324 -10.19 24.58 -9.72
CA VAL A 324 -10.04 25.00 -8.34
C VAL A 324 -9.07 24.07 -7.62
N SER A 325 -8.12 24.65 -6.89
CA SER A 325 -7.14 23.86 -6.18
C SER A 325 -6.96 24.31 -4.74
N VAL A 326 -6.72 23.35 -3.85
CA VAL A 326 -6.40 23.63 -2.45
C VAL A 326 -5.20 22.79 -2.04
N CYS A 327 -4.10 23.43 -1.67
CA CYS A 327 -2.94 22.71 -1.19
C CYS A 327 -2.98 22.59 0.33
N GLY A 328 -3.36 21.41 0.80
CA GLY A 328 -3.43 21.17 2.23
C GLY A 328 -3.91 19.78 2.61
N ASP A 329 -4.10 19.56 3.90
CA ASP A 329 -4.62 18.30 4.41
C ASP A 329 -6.10 18.18 4.05
N VAL A 330 -6.44 17.12 3.31
CA VAL A 330 -7.81 16.91 2.86
C VAL A 330 -8.74 16.69 4.05
N LYS A 331 -8.16 16.22 5.15
CA LYS A 331 -8.90 16.02 6.40
C LYS A 331 -9.45 17.35 6.91
N LEU A 332 -8.63 18.40 6.85
CA LEU A 332 -9.03 19.72 7.30
C LEU A 332 -10.01 20.37 6.32
N ALA A 333 -9.78 20.15 5.03
CA ALA A 333 -10.67 20.69 4.00
C ALA A 333 -12.07 20.14 4.17
N LEU A 334 -12.17 18.84 4.40
CA LEU A 334 -13.45 18.17 4.58
C LEU A 334 -14.17 18.71 5.81
N GLN A 335 -13.44 18.93 6.90
CA GLN A 335 -14.01 19.47 8.12
C GLN A 335 -14.61 20.85 7.88
N GLY A 336 -13.86 21.71 7.19
CA GLY A 336 -14.31 23.06 6.89
C GLY A 336 -15.54 23.07 6.02
N MET A 337 -15.55 22.20 5.01
CA MET A 337 -16.68 22.13 4.09
C MET A 337 -17.91 21.54 4.77
N ASN A 338 -17.71 20.51 5.59
CA ASN A 338 -18.80 19.92 6.35
C ASN A 338 -19.50 20.94 7.25
N LYS A 339 -18.71 21.80 7.86
CA LYS A 339 -19.23 22.86 8.72
C LYS A 339 -20.14 23.80 7.91
N VAL A 340 -19.64 24.23 6.75
CA VAL A 340 -20.41 25.10 5.87
C VAL A 340 -21.64 24.39 5.31
N LEU A 341 -21.46 23.15 4.87
CA LEU A 341 -22.54 22.37 4.27
C LEU A 341 -23.70 22.14 5.23
N GLU A 342 -23.42 22.12 6.53
CA GLU A 342 -24.46 21.86 7.51
C GLU A 342 -25.21 23.13 7.89
N ASN A 343 -24.50 24.25 8.00
CA ASN A 343 -25.14 25.52 8.32
C ASN A 343 -26.02 26.01 7.18
N ARG A 344 -25.48 26.00 5.97
CA ARG A 344 -26.21 26.49 4.80
C ARG A 344 -26.98 25.37 4.11
N ALA A 345 -27.30 24.32 4.87
CA ALA A 345 -27.93 23.12 4.33
C ALA A 345 -29.25 23.42 3.64
N GLU A 346 -30.18 24.04 4.37
CA GLU A 346 -31.48 24.40 3.81
C GLU A 346 -31.36 25.50 2.76
N GLU A 347 -30.29 26.27 2.84
CA GLU A 347 -30.07 27.32 1.86
C GLU A 347 -29.61 26.73 0.53
N LEU A 348 -28.85 25.64 0.61
CA LEU A 348 -28.21 25.06 -0.57
C LEU A 348 -29.13 24.14 -1.40
N LYS A 349 -30.07 23.47 -0.74
CA LYS A 349 -30.96 22.52 -1.41
C LYS A 349 -30.24 21.49 -2.29
N LEU A 350 -29.31 20.74 -1.70
CA LEU A 350 -28.55 19.75 -2.47
C LEU A 350 -29.36 18.50 -2.75
N ASP A 351 -29.48 18.15 -4.03
CA ASP A 351 -30.17 16.94 -4.46
C ASP A 351 -29.65 16.48 -5.82
N PHE A 352 -28.93 15.36 -5.83
CA PHE A 352 -28.39 14.80 -7.07
C PHE A 352 -29.04 13.46 -7.41
N GLY A 353 -30.32 13.32 -7.06
CA GLY A 353 -31.04 12.08 -7.28
C GLY A 353 -31.07 11.65 -8.74
N VAL A 354 -31.25 12.62 -9.64
CA VAL A 354 -31.30 12.36 -11.07
C VAL A 354 -29.97 11.77 -11.57
N TRP A 355 -28.87 12.37 -11.12
CA TRP A 355 -27.53 11.89 -11.44
C TRP A 355 -27.29 10.51 -10.85
N ARG A 356 -27.71 10.33 -9.60
CA ARG A 356 -27.54 9.05 -8.92
C ARG A 356 -28.34 7.94 -9.59
N ASN A 357 -29.55 8.24 -10.03
CA ASN A 357 -30.36 7.27 -10.76
C ASN A 357 -29.73 6.90 -12.09
N GLU A 358 -29.14 7.89 -12.75
CA GLU A 358 -28.46 7.67 -14.02
C GLU A 358 -27.29 6.71 -13.85
N LEU A 359 -26.54 6.90 -12.77
CA LEU A 359 -25.42 6.03 -12.45
C LEU A 359 -25.93 4.68 -11.97
N ASN A 360 -27.02 4.71 -11.21
CA ASN A 360 -27.62 3.50 -10.68
C ASN A 360 -28.08 2.55 -11.80
N VAL A 361 -28.44 3.13 -12.93
CA VAL A 361 -28.82 2.36 -14.10
C VAL A 361 -27.60 1.63 -14.66
N GLN A 362 -26.49 2.35 -14.76
CA GLN A 362 -25.23 1.75 -15.22
C GLN A 362 -24.76 0.64 -14.29
N LYS A 363 -24.97 0.83 -12.99
CA LYS A 363 -24.53 -0.14 -11.99
C LYS A 363 -25.32 -1.45 -12.08
N GLN A 364 -26.53 -1.37 -12.64
CA GLN A 364 -27.37 -2.55 -12.76
C GLN A 364 -27.26 -3.19 -14.14
N LYS A 365 -26.87 -2.40 -15.14
CA LYS A 365 -26.69 -2.92 -16.49
C LYS A 365 -25.30 -3.49 -16.69
N PHE A 366 -24.31 -2.88 -16.03
CA PHE A 366 -22.92 -3.34 -16.17
C PHE A 366 -22.22 -3.50 -14.83
N PRO A 367 -22.66 -4.47 -14.02
CA PRO A 367 -22.00 -4.72 -12.73
C PRO A 367 -20.77 -5.60 -12.90
N LEU A 368 -19.98 -5.75 -11.84
CA LEU A 368 -18.87 -6.70 -11.84
C LEU A 368 -19.41 -8.11 -12.02
N SER A 369 -18.73 -8.91 -12.83
CA SER A 369 -19.21 -10.26 -13.13
C SER A 369 -18.08 -11.26 -13.31
N PHE A 370 -18.36 -12.51 -12.96
CA PHE A 370 -17.43 -13.61 -13.18
C PHE A 370 -18.22 -14.85 -13.62
N LYS A 371 -17.54 -15.76 -14.32
CA LYS A 371 -18.19 -16.95 -14.82
C LYS A 371 -17.72 -18.19 -14.07
N THR A 372 -18.62 -19.13 -13.86
CA THR A 372 -18.31 -20.37 -13.16
C THR A 372 -18.29 -21.55 -14.13
N PHE A 373 -17.16 -22.23 -14.24
CA PHE A 373 -17.01 -23.32 -15.19
C PHE A 373 -16.93 -24.67 -14.51
N GLY A 374 -18.04 -25.41 -14.55
CA GLY A 374 -18.10 -26.72 -13.92
C GLY A 374 -17.87 -26.63 -12.44
N GLU A 375 -16.97 -27.48 -11.93
CA GLU A 375 -16.67 -27.50 -10.51
C GLU A 375 -15.42 -26.67 -10.18
N ALA A 376 -14.87 -26.02 -11.20
CA ALA A 376 -13.66 -25.22 -11.02
C ALA A 376 -13.93 -23.99 -10.15
N ILE A 377 -12.89 -23.52 -9.47
CA ILE A 377 -13.01 -22.38 -8.57
C ILE A 377 -12.76 -21.05 -9.27
N PRO A 378 -13.79 -20.19 -9.33
CA PRO A 378 -13.57 -18.82 -9.78
C PRO A 378 -12.79 -18.06 -8.71
N PRO A 379 -11.63 -17.48 -9.07
CA PRO A 379 -10.84 -16.72 -8.10
C PRO A 379 -11.66 -15.60 -7.48
N GLN A 380 -12.51 -14.98 -8.30
CA GLN A 380 -13.40 -13.93 -7.83
C GLN A 380 -14.30 -14.43 -6.71
N TYR A 381 -14.87 -15.62 -6.91
CA TYR A 381 -15.78 -16.22 -5.95
C TYR A 381 -15.10 -16.54 -4.63
N ALA A 382 -13.86 -17.03 -4.71
CA ALA A 382 -13.08 -17.37 -3.52
C ALA A 382 -12.91 -16.15 -2.61
N ILE A 383 -12.57 -15.03 -3.23
CA ILE A 383 -12.38 -13.78 -2.53
C ILE A 383 -13.72 -13.30 -1.95
N LYS A 384 -14.80 -13.53 -2.68
CA LYS A 384 -16.12 -13.15 -2.22
C LYS A 384 -16.54 -13.96 -1.00
N VAL A 385 -16.08 -15.21 -0.93
CA VAL A 385 -16.37 -16.07 0.22
C VAL A 385 -15.55 -15.65 1.43
N LEU A 386 -14.29 -15.27 1.20
CA LEU A 386 -13.44 -14.76 2.27
C LEU A 386 -14.06 -13.54 2.92
N ASP A 387 -14.68 -12.70 2.09
CA ASP A 387 -15.38 -11.51 2.57
C ASP A 387 -16.48 -11.91 3.54
N GLU A 388 -17.32 -12.84 3.10
CA GLU A 388 -18.47 -13.29 3.89
C GLU A 388 -18.05 -13.93 5.21
N LEU A 389 -17.03 -14.77 5.18
CA LEU A 389 -16.62 -15.52 6.35
C LEU A 389 -15.77 -14.69 7.32
N THR A 390 -15.24 -13.57 6.86
CA THR A 390 -14.50 -12.66 7.73
C THR A 390 -15.34 -11.43 8.06
N ASP A 391 -16.54 -11.39 7.48
CA ASP A 391 -17.46 -10.26 7.65
C ASP A 391 -16.81 -8.94 7.22
N GLY A 392 -15.94 -9.03 6.21
CA GLY A 392 -15.29 -7.86 5.65
C GLY A 392 -14.41 -7.11 6.64
N LYS A 393 -13.99 -7.78 7.69
CA LYS A 393 -13.23 -7.13 8.76
C LYS A 393 -11.75 -7.48 8.72
N ALA A 394 -11.36 -8.30 7.75
CA ALA A 394 -9.99 -8.77 7.66
C ALA A 394 -9.06 -7.71 7.07
N ILE A 395 -7.80 -7.74 7.50
CA ILE A 395 -6.77 -6.94 6.85
C ILE A 395 -6.20 -7.72 5.68
N ILE A 396 -6.31 -7.16 4.49
CA ILE A 396 -5.89 -7.85 3.28
C ILE A 396 -4.61 -7.27 2.69
N SER A 397 -3.60 -8.10 2.53
CA SER A 397 -2.43 -7.74 1.76
C SER A 397 -2.38 -8.62 0.51
N THR A 398 -1.85 -8.08 -0.58
CA THR A 398 -1.78 -8.85 -1.82
C THR A 398 -0.42 -8.74 -2.49
N GLY A 399 -0.20 -9.61 -3.47
CA GLY A 399 0.93 -9.45 -4.36
C GLY A 399 0.51 -8.55 -5.49
N VAL A 400 1.08 -8.76 -6.68
CA VAL A 400 0.75 -7.94 -7.83
C VAL A 400 0.35 -8.82 -9.00
N GLY A 401 -0.75 -8.46 -9.65
CA GLY A 401 -1.25 -9.23 -10.77
C GLY A 401 -2.76 -9.34 -10.76
N GLN A 402 -3.28 -10.37 -11.41
CA GLN A 402 -4.72 -10.59 -11.48
C GLN A 402 -5.36 -10.75 -10.11
N HIS A 403 -4.73 -11.56 -9.25
CA HIS A 403 -5.26 -11.82 -7.92
C HIS A 403 -5.39 -10.52 -7.13
N GLN A 404 -4.48 -9.59 -7.40
CA GLN A 404 -4.47 -8.29 -6.75
C GLN A 404 -5.72 -7.49 -7.13
N MET A 405 -6.06 -7.51 -8.41
CA MET A 405 -7.24 -6.78 -8.89
C MET A 405 -8.52 -7.41 -8.37
N TRP A 406 -8.58 -8.74 -8.37
CA TRP A 406 -9.75 -9.44 -7.88
C TRP A 406 -9.94 -9.22 -6.39
N ALA A 407 -8.82 -9.10 -5.67
CA ALA A 407 -8.87 -8.80 -4.24
C ALA A 407 -9.42 -7.40 -4.03
N ALA A 408 -9.15 -6.52 -4.98
CA ALA A 408 -9.61 -5.14 -4.91
C ALA A 408 -11.08 -5.02 -5.32
N GLN A 409 -11.51 -5.90 -6.23
CA GLN A 409 -12.85 -5.82 -6.78
C GLN A 409 -13.92 -6.56 -5.96
N PHE A 410 -13.54 -7.69 -5.39
CA PHE A 410 -14.53 -8.59 -4.79
C PHE A 410 -14.40 -8.72 -3.27
N TYR A 411 -13.73 -7.76 -2.65
CA TYR A 411 -13.74 -7.65 -1.20
C TYR A 411 -14.22 -6.26 -0.80
N ASN A 412 -15.20 -6.22 0.10
CA ASN A 412 -15.78 -4.95 0.53
C ASN A 412 -15.06 -4.42 1.77
N TYR A 413 -14.13 -3.49 1.55
CA TYR A 413 -13.35 -2.91 2.63
C TYR A 413 -14.14 -1.83 3.35
N LYS A 414 -14.27 -1.99 4.66
CA LYS A 414 -15.12 -1.13 5.46
C LYS A 414 -14.35 0.07 6.02
N LYS A 415 -13.04 -0.09 6.11
CA LYS A 415 -12.16 0.97 6.60
C LYS A 415 -10.87 1.01 5.81
N PRO A 416 -10.24 2.19 5.73
CA PRO A 416 -8.90 2.21 5.13
C PRO A 416 -7.92 1.48 6.03
N ARG A 417 -6.76 1.11 5.48
CA ARG A 417 -5.72 0.34 6.19
C ARG A 417 -6.17 -1.10 6.44
N GLN A 418 -7.22 -1.51 5.75
CA GLN A 418 -7.57 -2.93 5.62
C GLN A 418 -6.93 -3.46 4.35
N TRP A 419 -6.63 -2.52 3.45
CA TRP A 419 -6.16 -2.84 2.11
C TRP A 419 -4.68 -2.45 1.97
N LEU A 420 -3.81 -3.45 1.98
CA LEU A 420 -2.38 -3.21 1.86
C LEU A 420 -1.86 -3.78 0.55
N SER A 421 -1.60 -2.92 -0.42
CA SER A 421 -1.20 -3.38 -1.75
C SER A 421 -0.28 -2.40 -2.46
N SER A 422 0.71 -2.94 -3.16
CA SER A 422 1.66 -2.13 -3.91
C SER A 422 0.99 -1.59 -5.18
N GLY A 423 0.79 -0.28 -5.24
CA GLY A 423 0.05 0.33 -6.33
C GLY A 423 0.90 1.06 -7.36
N GLY A 424 1.73 1.98 -6.90
CA GLY A 424 2.56 2.77 -7.79
C GLY A 424 3.69 1.99 -8.44
N LEU A 425 4.48 1.32 -7.62
CA LEU A 425 5.58 0.50 -8.11
C LEU A 425 5.07 -0.85 -8.58
N GLY A 426 4.06 -1.37 -7.89
CA GLY A 426 3.49 -2.66 -8.22
C GLY A 426 4.49 -3.79 -8.11
N ALA A 427 5.08 -3.93 -6.93
CA ALA A 427 6.15 -4.91 -6.71
C ALA A 427 5.61 -6.25 -6.24
N MET A 428 5.89 -7.30 -7.02
CA MET A 428 5.55 -8.66 -6.62
C MET A 428 6.31 -9.06 -5.36
N GLY A 429 5.79 -10.05 -4.64
CA GLY A 429 6.44 -10.54 -3.44
C GLY A 429 6.20 -9.63 -2.25
N PHE A 430 5.34 -8.64 -2.45
CA PHE A 430 5.00 -7.68 -1.40
C PHE A 430 4.04 -8.28 -0.38
N GLY A 431 3.15 -9.15 -0.84
CA GLY A 431 2.06 -9.67 -0.05
C GLY A 431 2.39 -10.32 1.26
N LEU A 432 3.19 -11.39 1.21
CA LEU A 432 3.53 -12.16 2.40
C LEU A 432 4.27 -11.34 3.48
N PRO A 433 5.32 -10.58 3.10
CA PRO A 433 5.99 -9.81 4.15
C PRO A 433 5.11 -8.69 4.71
N ALA A 434 4.29 -8.07 3.87
CA ALA A 434 3.41 -7.01 4.32
C ALA A 434 2.42 -7.53 5.34
N ALA A 435 1.95 -8.76 5.13
CA ALA A 435 1.05 -9.42 6.07
C ALA A 435 1.72 -9.59 7.43
N ILE A 436 3.01 -9.91 7.39
CA ILE A 436 3.80 -10.06 8.62
C ILE A 436 3.79 -8.77 9.43
N GLY A 437 4.14 -7.67 8.77
CA GLY A 437 4.16 -6.37 9.43
C GLY A 437 2.79 -5.96 9.93
N ALA A 438 1.77 -6.26 9.13
CA ALA A 438 0.39 -5.95 9.49
C ALA A 438 -0.04 -6.71 10.73
N SER A 439 0.39 -7.97 10.83
CA SER A 439 0.00 -8.83 11.93
C SER A 439 0.69 -8.43 13.23
N VAL A 440 1.91 -7.94 13.12
CA VAL A 440 2.65 -7.46 14.29
C VAL A 440 2.02 -6.17 14.79
N ALA A 441 1.59 -5.33 13.85
CA ALA A 441 0.95 -4.06 14.19
C ALA A 441 -0.50 -4.26 14.64
N ASN A 442 -1.07 -5.40 14.27
CA ASN A 442 -2.46 -5.70 14.64
C ASN A 442 -2.62 -7.16 15.05
N PRO A 443 -2.16 -7.49 16.28
CA PRO A 443 -2.08 -8.86 16.78
C PRO A 443 -3.42 -9.55 16.91
N ASP A 444 -4.49 -8.78 17.15
CA ASP A 444 -5.80 -9.36 17.39
C ASP A 444 -6.68 -9.35 16.14
N ALA A 445 -6.08 -9.03 14.99
CA ALA A 445 -6.83 -8.91 13.75
C ALA A 445 -6.71 -10.14 12.87
N ILE A 446 -7.67 -10.29 11.95
CA ILE A 446 -7.58 -11.30 10.91
C ILE A 446 -6.73 -10.74 9.77
N VAL A 447 -5.58 -11.37 9.54
CA VAL A 447 -4.69 -10.92 8.47
C VAL A 447 -4.58 -11.99 7.39
N VAL A 448 -4.95 -11.62 6.16
CA VAL A 448 -4.91 -12.55 5.05
C VAL A 448 -4.11 -12.01 3.87
N ASP A 449 -3.10 -12.78 3.46
CA ASP A 449 -2.35 -12.45 2.26
C ASP A 449 -2.98 -13.15 1.06
N ILE A 450 -3.68 -12.38 0.24
CA ILE A 450 -4.22 -12.90 -1.02
C ILE A 450 -3.15 -12.79 -2.09
N ASP A 451 -2.51 -13.92 -2.40
CA ASP A 451 -1.31 -13.91 -3.21
C ASP A 451 -1.45 -14.71 -4.50
N GLY A 452 -0.62 -14.38 -5.49
CA GLY A 452 -0.51 -15.16 -6.71
C GLY A 452 0.69 -16.08 -6.58
N ASP A 453 0.72 -17.15 -7.38
CA ASP A 453 1.77 -18.16 -7.25
C ASP A 453 3.14 -17.61 -7.65
N GLY A 454 3.15 -16.61 -8.52
CA GLY A 454 4.39 -15.96 -8.90
C GLY A 454 4.88 -15.05 -7.80
N SER A 455 3.98 -14.20 -7.32
CA SER A 455 4.30 -13.24 -6.26
C SER A 455 4.68 -13.94 -4.96
N PHE A 456 3.94 -15.00 -4.63
CA PHE A 456 4.14 -15.70 -3.37
C PHE A 456 5.53 -16.32 -3.25
N ILE A 457 6.01 -16.92 -4.34
CA ILE A 457 7.26 -17.66 -4.29
C ILE A 457 8.48 -16.76 -4.22
N MET A 458 8.33 -15.49 -4.64
CA MET A 458 9.46 -14.56 -4.64
C MET A 458 10.04 -14.33 -3.26
N ASN A 459 9.18 -14.18 -2.27
CA ASN A 459 9.61 -14.04 -0.88
C ASN A 459 9.04 -15.15 0.01
N VAL A 460 9.01 -16.36 -0.55
CA VAL A 460 8.48 -17.52 0.16
C VAL A 460 9.27 -17.82 1.43
N GLN A 461 10.51 -17.33 1.48
CA GLN A 461 11.38 -17.58 2.63
C GLN A 461 10.83 -16.98 3.92
N GLU A 462 9.91 -16.03 3.79
CA GLU A 462 9.38 -15.34 4.95
C GLU A 462 8.36 -16.19 5.72
N LEU A 463 8.04 -17.37 5.18
CA LEU A 463 7.22 -18.34 5.91
C LEU A 463 7.94 -18.77 7.18
N ALA A 464 9.26 -18.81 7.11
CA ALA A 464 10.09 -19.11 8.27
C ALA A 464 9.87 -18.05 9.35
N THR A 465 9.89 -16.79 8.93
CA THR A 465 9.64 -15.67 9.83
C THR A 465 8.28 -15.80 10.52
N ILE A 466 7.26 -16.15 9.75
CA ILE A 466 5.91 -16.28 10.25
C ILE A 466 5.76 -17.34 11.34
N ARG A 467 6.34 -18.52 11.11
CA ARG A 467 6.29 -19.59 12.10
C ARG A 467 7.08 -19.22 13.35
N VAL A 468 8.32 -18.77 13.17
CA VAL A 468 9.19 -18.43 14.29
C VAL A 468 8.58 -17.34 15.16
N GLU A 469 7.97 -16.34 14.53
CA GLU A 469 7.37 -15.23 15.27
C GLU A 469 5.94 -15.56 15.71
N ASN A 470 5.46 -16.74 15.34
CA ASN A 470 4.12 -17.21 15.72
C ASN A 470 3.01 -16.23 15.34
N LEU A 471 3.01 -15.79 14.09
CA LEU A 471 2.03 -14.83 13.61
C LEU A 471 0.86 -15.53 12.92
N PRO A 472 -0.38 -15.13 13.27
CA PRO A 472 -1.58 -15.75 12.73
C PRO A 472 -1.86 -15.33 11.28
N VAL A 473 -0.84 -15.39 10.44
CA VAL A 473 -0.97 -14.96 9.04
C VAL A 473 -1.63 -16.03 8.17
N LYS A 474 -2.74 -15.64 7.53
CA LYS A 474 -3.44 -16.54 6.61
C LYS A 474 -3.02 -16.23 5.17
N VAL A 475 -2.68 -17.26 4.42
CA VAL A 475 -2.34 -17.07 3.02
C VAL A 475 -3.40 -17.68 2.11
N LEU A 476 -4.15 -16.82 1.43
CA LEU A 476 -5.10 -17.27 0.43
C LEU A 476 -4.42 -17.20 -0.93
N LEU A 477 -3.79 -18.30 -1.32
CA LEU A 477 -3.01 -18.33 -2.56
C LEU A 477 -3.87 -18.72 -3.75
N LEU A 478 -4.11 -17.75 -4.64
CA LEU A 478 -4.84 -18.03 -5.87
C LEU A 478 -3.87 -18.52 -6.93
N ASN A 479 -3.85 -19.82 -7.14
CA ASN A 479 -2.85 -20.47 -7.97
C ASN A 479 -3.35 -20.76 -9.38
N ASN A 480 -2.88 -19.97 -10.35
CA ASN A 480 -3.25 -20.18 -11.74
C ASN A 480 -2.07 -20.71 -12.57
N GLN A 481 -1.01 -21.10 -11.89
CA GLN A 481 0.18 -21.68 -12.53
C GLN A 481 0.82 -20.77 -13.56
N HIS A 482 0.48 -19.48 -13.52
CA HIS A 482 0.96 -18.52 -14.51
C HIS A 482 1.31 -17.18 -13.89
N LEU A 483 2.10 -16.40 -14.61
CA LEU A 483 2.18 -14.97 -14.36
C LEU A 483 0.94 -14.35 -15.00
N GLY A 484 -0.16 -14.41 -14.27
CA GLY A 484 -1.50 -14.19 -14.81
C GLY A 484 -1.76 -12.92 -15.60
N MET A 485 -1.35 -11.79 -15.06
N MET A 485 -1.34 -11.79 -15.07
CA MET A 485 -1.62 -10.50 -15.71
CA MET A 485 -1.63 -10.51 -15.71
C MET A 485 -0.85 -10.33 -17.00
C MET A 485 -0.85 -10.34 -17.02
N VAL A 486 0.39 -10.83 -17.02
CA VAL A 486 1.20 -10.79 -18.23
C VAL A 486 0.59 -11.73 -19.25
N MET A 487 0.08 -12.85 -18.75
CA MET A 487 -0.62 -13.83 -19.58
C MET A 487 -1.86 -13.22 -20.24
N GLN A 488 -2.58 -12.42 -19.46
CA GLN A 488 -3.79 -11.75 -19.97
C GLN A 488 -3.46 -10.80 -21.12
N TRP A 489 -2.40 -10.02 -20.94
CA TRP A 489 -1.96 -9.09 -21.98
C TRP A 489 -1.50 -9.83 -23.23
N GLU A 490 -0.90 -11.01 -23.02
CA GLU A 490 -0.52 -11.86 -24.15
C GLU A 490 -1.75 -12.29 -24.93
N ASP A 491 -2.81 -12.62 -24.21
CA ASP A 491 -4.06 -13.05 -24.83
C ASP A 491 -4.72 -11.95 -25.62
N ARG A 492 -4.67 -10.73 -25.09
CA ARG A 492 -5.36 -9.59 -25.69
C ARG A 492 -4.58 -8.95 -26.83
N PHE A 493 -3.26 -8.86 -26.68
CA PHE A 493 -2.47 -8.02 -27.57
C PHE A 493 -1.38 -8.76 -28.34
N TYR A 494 -1.13 -10.01 -27.99
CA TYR A 494 -0.09 -10.76 -28.67
C TYR A 494 -0.56 -12.14 -29.11
N LYS A 495 -1.85 -12.24 -29.42
CA LYS A 495 -2.46 -13.44 -29.97
C LYS A 495 -2.20 -14.69 -29.12
N ALA A 496 -2.24 -14.50 -27.80
CA ALA A 496 -2.08 -15.58 -26.83
C ALA A 496 -0.74 -16.31 -26.98
N ASN A 497 0.28 -15.60 -27.47
CA ASN A 497 1.61 -16.19 -27.61
C ASN A 497 2.37 -16.15 -26.29
N ARG A 498 2.57 -17.32 -25.69
CA ARG A 498 3.22 -17.42 -24.39
C ARG A 498 4.71 -17.11 -24.46
N ALA A 499 5.13 -16.10 -23.71
CA ALA A 499 6.53 -15.75 -23.60
C ALA A 499 6.96 -15.78 -22.14
N HIS A 500 7.23 -16.99 -21.65
CA HIS A 500 7.77 -17.22 -20.30
C HIS A 500 6.82 -16.76 -19.20
N THR A 501 5.55 -17.12 -19.32
CA THR A 501 4.56 -16.75 -18.33
C THR A 501 4.03 -17.96 -17.56
N PHE A 502 4.34 -19.16 -18.04
CA PHE A 502 3.95 -20.38 -17.36
C PHE A 502 4.94 -20.73 -16.25
N LEU A 503 4.42 -20.94 -15.04
CA LEU A 503 5.27 -21.11 -13.87
C LEU A 503 5.38 -22.57 -13.41
N GLY A 504 4.69 -23.47 -14.08
CA GLY A 504 4.73 -24.88 -13.72
C GLY A 504 5.88 -25.62 -14.39
N ASP A 505 5.87 -26.94 -14.28
CA ASP A 505 6.87 -27.77 -14.93
C ASP A 505 6.31 -28.35 -16.21
N PRO A 506 6.88 -27.95 -17.37
CA PRO A 506 6.45 -28.39 -18.70
C PRO A 506 6.54 -29.90 -18.90
N ALA A 507 7.42 -30.56 -18.15
CA ALA A 507 7.54 -32.01 -18.22
C ALA A 507 6.31 -32.69 -17.63
N GLN A 508 5.91 -32.23 -16.44
CA GLN A 508 4.73 -32.73 -15.76
C GLN A 508 3.65 -31.65 -15.83
N GLU A 509 3.14 -31.41 -17.03
CA GLU A 509 2.37 -30.20 -17.34
C GLU A 509 1.06 -30.06 -16.57
N ASP A 510 0.45 -31.17 -16.18
CA ASP A 510 -0.84 -31.11 -15.51
C ASP A 510 -0.72 -31.20 -13.99
N GLU A 511 0.51 -31.20 -13.50
CA GLU A 511 0.76 -31.18 -12.06
C GLU A 511 0.95 -29.74 -11.59
N ILE A 512 0.36 -29.40 -10.44
CA ILE A 512 0.55 -28.07 -9.87
C ILE A 512 1.99 -27.96 -9.37
N PHE A 513 2.74 -27.04 -9.97
CA PHE A 513 4.15 -26.86 -9.63
C PHE A 513 4.46 -25.38 -9.41
N PRO A 514 5.22 -25.08 -8.34
CA PRO A 514 5.69 -26.04 -7.34
C PRO A 514 4.58 -26.47 -6.37
N ASN A 515 4.88 -27.41 -5.48
CA ASN A 515 3.92 -27.81 -4.46
C ASN A 515 4.05 -26.87 -3.26
N MET A 516 3.19 -25.84 -3.24
CA MET A 516 3.27 -24.79 -2.24
C MET A 516 2.98 -25.31 -0.83
N LEU A 517 2.26 -26.43 -0.74
CA LEU A 517 1.95 -27.04 0.55
C LEU A 517 3.24 -27.47 1.25
N LEU A 518 4.21 -27.92 0.45
CA LEU A 518 5.47 -28.42 1.00
C LEU A 518 6.37 -27.28 1.43
N PHE A 519 6.19 -26.11 0.83
CA PHE A 519 6.87 -24.91 1.29
C PHE A 519 6.39 -24.59 2.71
N ALA A 520 5.09 -24.68 2.91
CA ALA A 520 4.49 -24.42 4.22
C ALA A 520 4.93 -25.47 5.24
N ALA A 521 4.94 -26.73 4.81
CA ALA A 521 5.35 -27.83 5.66
C ALA A 521 6.81 -27.69 6.08
N ALA A 522 7.62 -27.16 5.19
CA ALA A 522 9.03 -26.90 5.47
C ALA A 522 9.17 -25.96 6.66
N CYS A 523 8.22 -25.04 6.79
CA CYS A 523 8.26 -24.07 7.87
C CYS A 523 7.22 -24.35 8.95
N GLY A 524 6.78 -25.60 9.02
CA GLY A 524 5.84 -26.02 10.05
C GLY A 524 4.52 -25.27 10.04
N ILE A 525 4.10 -24.81 8.88
CA ILE A 525 2.84 -24.10 8.74
C ILE A 525 1.78 -25.01 8.13
N PRO A 526 0.69 -25.25 8.87
CA PRO A 526 -0.41 -26.09 8.36
C PRO A 526 -0.96 -25.54 7.07
N ALA A 527 -1.30 -26.43 6.13
CA ALA A 527 -1.72 -26.00 4.81
C ALA A 527 -2.63 -27.03 4.14
N ALA A 528 -3.36 -26.58 3.13
CA ALA A 528 -4.24 -27.46 2.38
C ALA A 528 -4.46 -26.92 0.98
N ARG A 529 -4.89 -27.80 0.08
CA ARG A 529 -5.22 -27.43 -1.28
C ARG A 529 -6.70 -27.67 -1.55
N VAL A 530 -7.33 -26.76 -2.28
CA VAL A 530 -8.72 -26.93 -2.66
C VAL A 530 -8.87 -26.69 -4.17
N THR A 531 -9.59 -27.58 -4.85
CA THR A 531 -9.70 -27.52 -6.31
C THR A 531 -11.13 -27.35 -6.76
N LYS A 532 -12.05 -28.07 -6.11
CA LYS A 532 -13.46 -28.01 -6.48
C LYS A 532 -14.23 -26.96 -5.67
N LYS A 533 -15.03 -26.17 -6.39
CA LYS A 533 -15.74 -25.03 -5.82
C LYS A 533 -16.63 -25.41 -4.64
N ALA A 534 -17.13 -26.64 -4.64
CA ALA A 534 -18.00 -27.12 -3.57
C ALA A 534 -17.25 -27.18 -2.24
N ASP A 535 -15.98 -27.54 -2.29
CA ASP A 535 -15.18 -27.72 -1.08
C ASP A 535 -14.56 -26.41 -0.60
N LEU A 536 -14.77 -25.34 -1.37
CA LEU A 536 -14.08 -24.07 -1.12
C LEU A 536 -14.51 -23.37 0.17
N ARG A 537 -15.81 -23.32 0.42
CA ARG A 537 -16.34 -22.61 1.59
C ARG A 537 -15.81 -23.19 2.90
N GLU A 538 -15.84 -24.52 3.00
CA GLU A 538 -15.35 -25.19 4.20
C GLU A 538 -13.84 -25.06 4.35
N ALA A 539 -13.14 -25.03 3.21
CA ALA A 539 -11.69 -24.93 3.21
C ALA A 539 -11.22 -23.59 3.77
N ILE A 540 -11.85 -22.50 3.33
CA ILE A 540 -11.50 -21.16 3.78
C ILE A 540 -11.83 -21.01 5.26
N GLN A 541 -12.96 -21.59 5.68
CA GLN A 541 -13.36 -21.55 7.07
C GLN A 541 -12.34 -22.25 7.95
N THR A 542 -11.85 -23.40 7.48
CA THR A 542 -10.83 -24.15 8.19
C THR A 542 -9.56 -23.33 8.35
N MET A 543 -9.17 -22.64 7.28
CA MET A 543 -8.02 -21.73 7.33
C MET A 543 -8.20 -20.68 8.42
N LEU A 544 -9.40 -20.12 8.50
CA LEU A 544 -9.70 -19.07 9.44
C LEU A 544 -9.82 -19.58 10.87
N ASP A 545 -10.41 -20.77 11.02
CA ASP A 545 -10.67 -21.33 12.35
C ASP A 545 -9.44 -21.98 12.96
N THR A 546 -8.50 -22.38 12.12
CA THR A 546 -7.25 -22.98 12.60
C THR A 546 -6.34 -21.89 13.17
N PRO A 547 -6.04 -21.97 14.47
CA PRO A 547 -5.19 -20.97 15.15
C PRO A 547 -3.81 -20.88 14.53
N GLY A 548 -3.31 -19.66 14.35
CA GLY A 548 -1.98 -19.45 13.83
C GLY A 548 -1.92 -19.39 12.32
N PRO A 549 -0.70 -19.52 11.77
CA PRO A 549 -0.45 -19.42 10.32
C PRO A 549 -1.16 -20.53 9.55
N TYR A 550 -1.57 -20.23 8.32
CA TYR A 550 -2.23 -21.23 7.49
C TYR A 550 -2.10 -20.87 6.01
N LEU A 551 -1.84 -21.88 5.18
CA LEU A 551 -1.79 -21.70 3.74
C LEU A 551 -2.90 -22.47 3.04
N LEU A 552 -3.71 -21.76 2.26
CA LEU A 552 -4.72 -22.41 1.45
C LEU A 552 -4.39 -22.25 -0.03
N ASP A 553 -3.98 -23.36 -0.65
CA ASP A 553 -3.68 -23.37 -2.08
C ASP A 553 -4.96 -23.50 -2.88
N VAL A 554 -5.45 -22.38 -3.39
CA VAL A 554 -6.67 -22.37 -4.19
C VAL A 554 -6.34 -22.49 -5.67
N ILE A 555 -6.71 -23.61 -6.28
CA ILE A 555 -6.41 -23.86 -7.68
C ILE A 555 -7.48 -23.25 -8.59
N CYS A 556 -7.04 -22.35 -9.46
CA CYS A 556 -7.96 -21.65 -10.35
C CYS A 556 -7.62 -21.90 -11.82
N PRO A 557 -8.64 -21.95 -12.69
CA PRO A 557 -8.39 -22.00 -14.13
C PRO A 557 -7.66 -20.74 -14.58
N HIS A 558 -6.61 -20.89 -15.37
CA HIS A 558 -5.74 -19.77 -15.69
C HIS A 558 -6.30 -18.85 -16.77
N GLN A 559 -7.33 -19.31 -17.47
CA GLN A 559 -7.87 -18.55 -18.59
C GLN A 559 -8.66 -17.31 -18.16
N GLU A 560 -8.85 -17.15 -16.86
CA GLU A 560 -9.60 -16.01 -16.34
C GLU A 560 -8.93 -14.68 -16.66
N HIS A 561 -9.73 -13.69 -17.01
CA HIS A 561 -9.25 -12.34 -17.27
C HIS A 561 -9.84 -11.34 -16.28
N VAL A 562 -9.06 -10.35 -15.89
CA VAL A 562 -9.58 -9.27 -15.07
C VAL A 562 -10.42 -8.36 -15.95
N LEU A 563 -11.68 -8.16 -15.55
CA LEU A 563 -12.59 -7.31 -16.30
C LEU A 563 -13.34 -6.37 -15.37
N PRO A 564 -13.77 -5.20 -15.87
CA PRO A 564 -13.50 -4.73 -17.25
C PRO A 564 -12.10 -4.18 -17.39
N MET A 565 -11.73 -3.79 -18.61
CA MET A 565 -10.39 -3.28 -18.86
C MET A 565 -10.38 -2.15 -19.90
N ILE A 566 -9.83 -1.01 -19.50
CA ILE A 566 -9.54 0.06 -20.44
C ILE A 566 -8.06 -0.05 -20.81
N PRO A 567 -7.78 -0.36 -22.09
CA PRO A 567 -6.41 -0.57 -22.57
C PRO A 567 -5.52 0.64 -22.30
N SER A 568 -4.21 0.43 -22.36
CA SER A 568 -3.24 1.49 -22.07
C SER A 568 -3.47 2.73 -22.93
N GLY A 569 -3.55 3.89 -22.28
CA GLY A 569 -3.73 5.15 -22.97
C GLY A 569 -5.07 5.30 -23.67
N GLY A 570 -6.03 4.45 -23.30
CA GLY A 570 -7.34 4.46 -23.93
C GLY A 570 -8.33 5.39 -23.29
N THR A 571 -9.55 5.38 -23.79
CA THR A 571 -10.64 6.18 -23.24
C THR A 571 -11.78 5.27 -22.79
N PHE A 572 -12.84 5.86 -22.27
CA PHE A 572 -13.99 5.08 -21.79
C PHE A 572 -14.65 4.29 -22.91
N ASN A 573 -14.59 4.82 -24.12
CA ASN A 573 -15.18 4.15 -25.29
C ASN A 573 -14.39 2.90 -25.69
N ASP A 574 -13.17 2.79 -25.17
CA ASP A 574 -12.30 1.67 -25.52
C ASP A 574 -12.44 0.50 -24.55
N VAL A 575 -13.34 0.64 -23.58
CA VAL A 575 -13.45 -0.33 -22.49
C VAL A 575 -13.80 -1.73 -22.98
N ILE A 576 -13.12 -2.73 -22.44
CA ILE A 576 -13.38 -4.13 -22.73
C ILE A 576 -14.21 -4.74 -21.61
N THR A 577 -15.33 -5.34 -21.95
CA THR A 577 -16.27 -5.81 -20.93
C THR A 577 -16.46 -7.33 -20.92
N GLU A 578 -16.09 -8.00 -22.00
CA GLU A 578 -16.29 -9.44 -22.11
C GLU A 578 -15.10 -10.15 -22.73
N GLY A 579 -14.97 -11.44 -22.41
CA GLY A 579 -13.93 -12.26 -22.99
C GLY A 579 -12.91 -12.78 -21.99
N ASP A 580 -12.29 -13.90 -22.33
CA ASP A 580 -11.21 -14.48 -21.52
C ASP A 580 -10.20 -15.20 -22.41
N GLY A 581 -9.37 -16.05 -21.80
CA GLY A 581 -8.34 -16.75 -22.52
C GLY A 581 -8.78 -18.09 -23.09
N ARG A 582 -10.08 -18.27 -23.26
CA ARG A 582 -10.62 -19.51 -23.81
C ARG A 582 -11.06 -19.33 -25.25
N LEU A 583 -10.89 -20.38 -26.05
CA LEU A 583 -11.32 -20.36 -27.44
C LEU A 583 -12.74 -20.88 -27.58
N GLU A 584 -13.50 -20.28 -28.49
CA GLU A 584 -14.90 -20.64 -28.69
C GLU A 584 -15.05 -22.03 -29.30
N HIS A 585 -16.29 -22.53 -29.33
CA HIS A 585 -16.57 -23.84 -29.88
C HIS A 585 -16.75 -23.78 -31.39
MG MG B . -0.20 -16.46 -11.13
PA FAD C . -1.61 7.92 -4.22
O1A FAD C . -2.26 6.99 -3.19
O2A FAD C . -0.55 7.16 -5.00
O5B FAD C . -0.93 9.17 -3.45
C5B FAD C . -1.74 9.91 -2.52
C4B FAD C . -1.99 11.30 -3.10
O4B FAD C . -2.74 12.09 -2.19
C3B FAD C . -0.70 12.01 -3.31
O3B FAD C . -0.82 12.93 -4.40
C2B FAD C . -0.50 12.73 -2.05
O2B FAD C . 0.28 13.92 -2.28
C1B FAD C . -1.85 13.09 -1.62
N9A FAD C . -1.99 13.10 -0.22
C8A FAD C . -1.37 12.29 0.63
N7A FAD C . -1.75 12.58 1.88
C5A FAD C . -2.65 13.61 1.83
C6A FAD C . -3.40 14.36 2.78
N6A FAD C . -3.30 14.09 4.15
N1A FAD C . -4.22 15.34 2.35
C2A FAD C . -4.32 15.61 1.07
N3A FAD C . -3.64 14.93 0.14
C4A FAD C . -2.80 13.94 0.49
N1 FAD C . -5.34 2.26 -9.58
C2 FAD C . -6.68 2.60 -9.86
O2 FAD C . -7.20 3.52 -9.24
N3 FAD C . -7.42 1.91 -10.80
C4 FAD C . -6.83 0.87 -11.50
O4 FAD C . -7.47 0.25 -12.33
C4X FAD C . -5.39 0.48 -11.23
N5 FAD C . -4.76 -0.57 -11.91
C5X FAD C . -3.64 -1.11 -11.36
C6 FAD C . -3.19 -2.39 -11.75
C7 FAD C . -2.03 -2.92 -11.17
C7M FAD C . -1.54 -4.32 -11.59
C8 FAD C . -1.32 -2.21 -10.21
C8M FAD C . -0.07 -2.83 -9.59
C9 FAD C . -1.76 -0.95 -9.82
C9A FAD C . -2.92 -0.39 -10.39
N10 FAD C . -3.37 0.86 -10.01
C10 FAD C . -4.68 1.19 -10.28
C1' FAD C . -2.66 1.59 -9.01
C2' FAD C . -2.05 2.87 -9.63
O2' FAD C . -0.83 2.55 -10.26
C3' FAD C . -1.81 3.95 -8.51
O3' FAD C . -1.23 3.36 -7.43
C4' FAD C . -3.08 4.63 -8.11
O4' FAD C . -3.94 4.78 -9.25
C5' FAD C . -2.75 6.00 -7.58
O5' FAD C . -3.30 6.16 -6.30
P FAD C . -3.82 7.63 -5.90
O1P FAD C . -4.23 8.35 -7.19
O2P FAD C . -5.01 7.50 -4.97
O3P FAD C . -2.70 8.47 -5.20
C11 6QK D . -0.25 -2.60 -16.64
CL01 6QK D . 2.81 3.13 -19.49
C02 6QK D . 3.28 1.60 -18.77
C03 6QK D . 2.78 0.41 -19.29
C04 6QK D . 1.84 0.42 -20.48
O05 6QK D . 0.61 0.66 -20.29
O06 6QK D . 2.27 0.21 -21.64
C07 6QK D . 3.15 -0.79 -18.73
S08 6QK D . 2.51 -2.31 -19.41
C09 6QK D . 1.35 -2.99 -18.26
N10 6QK D . 0.63 -2.16 -17.53
O12 6QK D . -1.01 -1.70 -15.87
C13 6QK D . -1.62 -2.29 -14.76
C14 6QK D . -0.42 -4.00 -16.53
C15 6QK D . 0.37 -4.84 -17.34
O16 6QK D . 0.23 -6.24 -17.26
C17 6QK D . 1.36 -6.94 -17.73
N18 6QK D . 1.24 -4.30 -18.20
C19 6QK D . 4.00 -0.83 -17.65
C20 6QK D . 4.49 0.36 -17.12
C21 6QK D . 4.12 1.58 -17.68
C1 CIT E . 3.34 -3.69 21.55
O1 CIT E . 4.36 -3.54 22.27
O2 CIT E . 2.90 -4.84 21.32
C2 CIT E . 2.65 -2.48 20.96
C3 CIT E . 2.19 -2.69 19.53
O7 CIT E . 1.23 -3.73 19.49
C4 CIT E . 1.56 -1.41 19.04
C5 CIT E . 1.46 -1.37 17.52
O3 CIT E . 2.12 -0.54 16.86
O4 CIT E . 0.71 -2.19 16.94
C6 CIT E . 3.36 -3.06 18.65
O5 CIT E . 4.28 -2.22 18.42
O6 CIT E . 3.42 -4.20 18.13
N1' TP9 F . 8.72 -8.44 -11.02
C2' TP9 F . 8.21 -7.80 -9.99
CM2 TP9 F . 9.00 -7.74 -8.70
N3' TP9 F . 7.03 -7.20 -10.05
C4' TP9 F . 6.30 -7.22 -11.17
N4' TP9 F . 5.05 -6.57 -11.21
C5' TP9 F . 6.81 -7.90 -12.31
C6' TP9 F . 8.06 -8.52 -12.19
C7' TP9 F . 6.06 -7.97 -13.62
N3 TP9 F . 4.70 -8.33 -13.45
S1 TP9 F . 1.76 -8.93 -12.51
C5 TP9 F . 3.02 -10.06 -13.01
C4 TP9 F . 4.26 -9.69 -13.40
CM4 TP9 F . 5.36 -10.64 -13.83
C6 TP9 F . 2.50 -11.48 -12.92
C7 TP9 F . 2.43 -11.98 -11.49
O7 TP9 F . 1.75 -13.21 -11.48
PA TP9 F . 1.16 -13.74 -10.10
O1A TP9 F . 1.14 -15.25 -10.11
O2A TP9 F . 2.00 -13.24 -8.96
O3A TP9 F . -0.32 -13.19 -9.94
PB TP9 F . -1.45 -13.44 -11.01
O1B TP9 F . -2.79 -13.43 -10.32
O2B TP9 F . -1.42 -12.35 -12.05
O3B TP9 F . -1.24 -14.78 -11.67
#